data_8IKG
#
_entry.id   8IKG
#
loop_
_entity.id
_entity.type
_entity.pdbx_description
1 polymer 'Guanine nucleotide-binding protein G(i) subunit alpha-1'
2 polymer 'Guanine nucleotide-binding protein G(I)/G(S)/G(T) subunit beta-1'
3 polymer 'Guanine nucleotide-binding protein G(I)/G(S)/G(O) subunit gamma-2'
4 polymer 'Cannabinoid receptor 1'
5 polymer scFV16
6 non-polymer 3-[(1S)-1-(furan-2-yl)-2-nitro-ethyl]-2-phenyl-1H-indole
#
loop_
_entity_poly.entity_id
_entity_poly.type
_entity_poly.pdbx_seq_one_letter_code
_entity_poly.pdbx_strand_id
1 'polypeptide(L)'
;MGCTLSAEDKAAVERSKMIDRNLREDGEKAAREVKLLLLGAGESGKSTIVKQMKIIHEAGYSEEECKQYKAVVYSNTIQS
IIAIIRAMGRLKIDFGDSARADDARQLFVLAGAAEEGFMTAELAGVIKRLWKDSGVQACFNRSREYQLNDSAAYYLNDLD
RIAQPNYIPTQQDVLRTRVKTTGIVETHFTFKDLHFKMFDVGGQRSERKKWIHCFEGVTAIIFCVALSDYDLVLAEDEEM
NRMHESMKLFDSICNNKWFTDTSIILFLNKKDLFEEKIKKSPLTICYPEYAGSNTYEEAAAYIQCQFEDLNKRKDTKEIY
THFTCATDTKNVQFVFDAVTDVIIKNNLKDCGLF
;
A
2 'polypeptide(L)'
;MHHHHLEVLFQGPGSSGSELDQLRQEAEQLKNQIRDARKACADATLSQITNNIDPVGRIQMRTRRTLRGHLAKIYAMHWG
TDSRLLVSASQDGKLIIWDSYTTNKVHAIPLRSSWVMTCAYAPSGNYVACGGLDNICSIYNLKTREGNVRVSRELAGHTG
YLSCCRFLDDNQIVTSSGDTTCALWDIETGQQTTTFTGHTGDVMSLSLAPDTRLFVSGACDASAKLWDVREGMCRQTFTG
HESDINAICFFPNGNAFATGSDDATCRLFDLRADQELMTYSHDNIICGITSVSFSKSGRLLLAGYDDFNCNVWDALKADR
AGVLAGHDNRVSCLGVTDDGMAVATGSWDSFLKIWN
;
B
3 'polypeptide(L)' MASNNTASIAQARKLVEQLKMEANIDRIKVSKAAADLMAYCEAHAKEDPLLTPVPASENPFREKKFFCAIL C
4 'polypeptide(L)'
;GENFMDIECFMVLNPSQQLAIAVLSLTLGTFTVLENLLVLCVILHSRSLRCRPSYHFIGSLAVADLLGSVIFVYSFIDFH
VFHRKDSRNVFLFKLGGVTASFTASVGSLFLTAIDRYISIHRPLAYKRIVTRPKAVVAFCLMWTIAIVIAVLPLLGWNCE
KLQSVCSDIFPHIDETYLMFWIGVTSVLLLFIVYAYMYILWKAHSHAVRMIQRGTQKSIIIHTSEDGKVQVTRPDQARMD
IRLAKTLVLILVVLIICWGPLLAIMVYDVFGKMNKLIKTVFAFCSMLCLLNSTVNPIIYALRSKDLRHAF
;
R
5 'polypeptide(L)'
;DVQLVESGGGLVQPGGSRKLSCSASGFAFSSFGMHWVRQAPEKGLEWVAYISSGSGTIYYADTVKGRFTISRDDPKNTLF
LQMTSLRSEDTAMYYCVRSIYYYGSSPFDFWGQGTTLTVSSGGGGSGGGGSGGGGSDIVMTQATSSVPVTPGESVSISCR
SSKSLLHSNGNTYLYWFLQRPGQSPQLLIYRMSNLASGVPDRFSGSGSGTAFTLTISRLEAEDVGVYYCMQHLEYPLTFG
AGTKLELKAAAENLYFQGHHHHHHHH
;
S
#
loop_
_chem_comp.id
_chem_comp.type
_chem_comp.name
_chem_comp.formula
Q2B non-polymer 3-[(1S)-1-(furan-2-yl)-2-nitro-ethyl]-2-phenyl-1H-indole 'C20 H16 N2 O3'
#
# COMPACT_ATOMS: atom_id res chain seq x y z
N THR A 4 -26.53 5.36 12.68
CA THR A 4 -26.29 5.95 13.99
C THR A 4 -25.27 7.08 13.90
N LEU A 5 -24.75 7.30 12.70
CA LEU A 5 -23.75 8.33 12.49
C LEU A 5 -24.37 9.73 12.59
N SER A 6 -23.53 10.70 12.92
CA SER A 6 -23.97 12.08 13.05
C SER A 6 -24.12 12.74 11.68
N ALA A 7 -24.67 13.96 11.69
CA ALA A 7 -24.78 14.72 10.46
C ALA A 7 -23.40 15.08 9.91
N GLU A 8 -22.46 15.39 10.80
CA GLU A 8 -21.10 15.70 10.37
C GLU A 8 -20.39 14.46 9.84
N ASP A 9 -20.47 13.36 10.58
CA ASP A 9 -19.70 12.17 10.21
C ASP A 9 -20.22 11.55 8.91
N LYS A 10 -21.53 11.59 8.68
CA LYS A 10 -22.06 11.09 7.42
C LYS A 10 -21.51 11.87 6.25
N ALA A 11 -21.24 13.16 6.44
CA ALA A 11 -20.58 13.94 5.41
C ALA A 11 -19.07 13.81 5.46
N ALA A 12 -18.53 13.22 6.53
CA ALA A 12 -17.10 12.96 6.64
C ALA A 12 -16.71 11.59 6.12
N VAL A 13 -17.68 10.80 5.66
CA VAL A 13 -17.39 9.51 5.04
C VAL A 13 -17.36 9.64 3.51
N GLU A 14 -18.19 10.52 2.97
CA GLU A 14 -18.16 10.78 1.54
C GLU A 14 -16.80 11.32 1.11
N ARG A 15 -16.16 12.13 1.95
CA ARG A 15 -14.82 12.61 1.66
C ARG A 15 -13.83 11.45 1.54
N SER A 16 -13.90 10.49 2.47
CA SER A 16 -13.02 9.34 2.41
C SER A 16 -13.31 8.48 1.18
N LYS A 17 -14.59 8.36 0.81
CA LYS A 17 -14.93 7.60 -0.40
C LYS A 17 -14.36 8.28 -1.64
N MET A 18 -14.44 9.60 -1.71
CA MET A 18 -13.84 10.31 -2.85
C MET A 18 -12.32 10.16 -2.87
N ILE A 19 -11.69 10.18 -1.69
CA ILE A 19 -10.24 9.97 -1.63
C ILE A 19 -9.89 8.57 -2.13
N ASP A 20 -10.66 7.57 -1.72
CA ASP A 20 -10.42 6.21 -2.20
C ASP A 20 -10.59 6.12 -3.71
N ARG A 21 -11.62 6.77 -4.25
CA ARG A 21 -11.81 6.77 -5.70
C ARG A 21 -10.64 7.40 -6.41
N ASN A 22 -10.15 8.54 -5.90
CA ASN A 22 -9.02 9.21 -6.53
C ASN A 22 -7.77 8.34 -6.49
N LEU A 23 -7.50 7.70 -5.35
CA LEU A 23 -6.35 6.82 -5.24
C LEU A 23 -6.46 5.61 -6.17
N ARG A 24 -7.64 5.02 -6.27
CA ARG A 24 -7.82 3.86 -7.14
C ARG A 24 -7.64 4.23 -8.60
N GLU A 25 -8.20 5.37 -9.02
CA GLU A 25 -8.05 5.80 -10.41
C GLU A 25 -6.61 6.20 -10.72
N ASP A 26 -5.93 6.84 -9.78
CA ASP A 26 -4.54 7.21 -10.01
C ASP A 26 -3.58 6.02 -9.88
N GLY A 27 -3.98 5.00 -9.12
CA GLY A 27 -3.12 3.84 -8.94
C GLY A 27 -3.04 2.94 -10.15
N GLU A 28 -4.03 2.98 -11.03
CA GLU A 28 -4.02 2.16 -12.24
C GLU A 28 -3.24 2.81 -13.38
N LYS A 29 -2.91 4.10 -13.29
CA LYS A 29 -2.08 4.72 -14.31
C LYS A 29 -0.60 4.50 -14.07
N ALA A 30 -0.21 4.04 -12.89
CA ALA A 30 1.17 3.69 -12.59
C ALA A 30 1.47 2.22 -12.81
N ALA A 31 0.46 1.41 -13.13
CA ALA A 31 0.66 0.00 -13.43
C ALA A 31 0.78 -0.27 -14.92
N ARG A 32 0.66 0.75 -15.77
CA ARG A 32 0.80 0.61 -17.21
C ARG A 32 2.15 1.11 -17.71
N GLU A 33 3.10 1.34 -16.82
CA GLU A 33 4.42 1.85 -17.17
C GLU A 33 5.47 0.81 -16.77
N VAL A 34 6.51 0.70 -17.58
CA VAL A 34 7.57 -0.28 -17.37
C VAL A 34 8.76 0.42 -16.71
N LYS A 35 9.31 -0.21 -15.68
CA LYS A 35 10.44 0.33 -14.94
C LYS A 35 11.74 -0.30 -15.43
N LEU A 36 12.70 0.54 -15.80
CA LEU A 36 14.01 0.11 -16.22
C LEU A 36 15.05 0.84 -15.38
N LEU A 37 16.10 0.14 -14.96
CA LEU A 37 17.10 0.73 -14.06
C LEU A 37 18.44 0.81 -14.77
N LEU A 38 18.97 2.03 -14.93
CA LEU A 38 20.33 2.20 -15.41
C LEU A 38 21.32 1.98 -14.26
N LEU A 39 22.29 1.10 -14.48
CA LEU A 39 23.22 0.76 -13.41
C LEU A 39 24.64 0.58 -13.93
N GLY A 40 24.96 1.12 -15.11
CA GLY A 40 26.28 0.96 -15.68
C GLY A 40 27.34 1.77 -14.95
N ALA A 41 28.58 1.63 -15.43
CA ALA A 41 29.69 2.34 -14.83
C ALA A 41 29.56 3.83 -15.06
N GLY A 42 30.18 4.62 -14.16
CA GLY A 42 29.99 6.05 -14.19
C GLY A 42 30.51 6.70 -15.45
N GLU A 43 31.73 6.34 -15.88
CA GLU A 43 32.36 6.93 -17.05
C GLU A 43 32.26 6.06 -18.29
N SER A 44 31.46 4.99 -18.25
CA SER A 44 31.31 4.11 -19.40
C SER A 44 30.43 4.69 -20.50
N GLY A 45 29.63 5.72 -20.19
CA GLY A 45 28.79 6.32 -21.20
C GLY A 45 27.31 6.35 -20.87
N LYS A 46 26.98 6.35 -19.58
CA LYS A 46 25.58 6.47 -19.18
C LYS A 46 24.99 7.79 -19.63
N SER A 47 25.75 8.88 -19.48
CA SER A 47 25.27 10.18 -19.93
C SER A 47 25.21 10.26 -21.45
N THR A 48 25.95 9.41 -22.15
CA THR A 48 25.97 9.39 -23.60
C THR A 48 24.91 8.47 -24.20
N ILE A 49 24.20 7.70 -23.38
CA ILE A 49 23.18 6.78 -23.87
C ILE A 49 21.76 7.30 -23.62
N VAL A 50 21.55 8.16 -22.63
CA VAL A 50 20.21 8.68 -22.36
C VAL A 50 19.76 9.60 -23.49
N LYS A 51 20.68 10.43 -24.00
CA LYS A 51 20.34 11.35 -25.09
C LYS A 51 20.20 10.65 -26.43
N GLN A 52 20.84 9.49 -26.61
CA GLN A 52 20.73 8.77 -27.88
C GLN A 52 19.36 8.14 -28.04
N MET A 53 18.77 7.62 -26.95
CA MET A 53 17.45 7.02 -27.03
C MET A 53 16.40 8.06 -27.37
N LYS A 54 16.50 9.25 -26.80
CA LYS A 54 15.54 10.32 -27.06
C LYS A 54 16.27 11.62 -27.41
N THR A 182 22.47 15.73 -8.02
CA THR A 182 21.68 15.73 -6.79
C THR A 182 21.39 14.31 -6.33
N GLY A 183 20.74 13.53 -7.19
CA GLY A 183 20.40 12.16 -6.87
C GLY A 183 19.81 11.40 -8.04
N ILE A 184 18.76 10.61 -7.76
CA ILE A 184 18.14 9.81 -8.81
C ILE A 184 17.47 10.72 -9.83
N VAL A 185 17.64 10.40 -11.11
CA VAL A 185 17.03 11.14 -12.20
C VAL A 185 16.12 10.21 -12.96
N GLU A 186 14.85 10.60 -13.12
CA GLU A 186 13.86 9.79 -13.82
C GLU A 186 13.66 10.34 -15.22
N THR A 187 13.66 9.46 -16.21
CA THR A 187 13.48 9.82 -17.60
C THR A 187 12.32 9.01 -18.18
N HIS A 188 11.50 9.66 -19.01
CA HIS A 188 10.30 9.05 -19.56
C HIS A 188 10.46 8.90 -21.07
N PHE A 189 10.18 7.70 -21.58
CA PHE A 189 10.18 7.40 -23.00
C PHE A 189 8.81 6.89 -23.41
N THR A 190 8.49 7.07 -24.69
CA THR A 190 7.31 6.46 -25.29
C THR A 190 7.74 5.72 -26.55
N PHE A 191 7.18 4.52 -26.75
CA PHE A 191 7.57 3.68 -27.87
C PHE A 191 6.49 2.64 -28.11
N LYS A 192 5.89 2.68 -29.31
CA LYS A 192 4.88 1.71 -29.71
C LYS A 192 3.74 1.64 -28.69
N ASP A 193 3.25 2.81 -28.27
CA ASP A 193 2.18 2.92 -27.28
C ASP A 193 2.55 2.25 -25.96
N LEU A 194 3.83 2.26 -25.63
CA LEU A 194 4.33 1.73 -24.37
C LEU A 194 5.18 2.79 -23.69
N HIS A 195 4.91 3.03 -22.41
CA HIS A 195 5.60 4.07 -21.63
C HIS A 195 6.71 3.43 -20.82
N PHE A 196 7.90 4.02 -20.88
CA PHE A 196 9.08 3.52 -20.19
C PHE A 196 9.56 4.55 -19.18
N LYS A 197 9.85 4.10 -17.97
CA LYS A 197 10.50 4.91 -16.96
C LYS A 197 11.90 4.36 -16.73
N MET A 198 12.91 5.22 -16.84
CA MET A 198 14.29 4.83 -16.68
C MET A 198 14.92 5.66 -15.56
N PHE A 199 15.43 4.98 -14.54
CA PHE A 199 15.98 5.63 -13.36
C PHE A 199 17.50 5.58 -13.43
N ASP A 200 18.14 6.75 -13.47
CA ASP A 200 19.59 6.87 -13.53
C ASP A 200 20.04 7.30 -12.14
N VAL A 201 20.72 6.41 -11.43
CA VAL A 201 21.36 6.76 -10.15
C VAL A 201 22.78 7.20 -10.50
N GLY A 202 22.92 8.47 -10.86
CA GLY A 202 24.17 8.99 -11.35
C GLY A 202 25.19 9.28 -10.28
N GLY A 203 24.89 10.23 -9.40
CA GLY A 203 25.85 10.67 -8.41
C GLY A 203 25.39 10.49 -6.97
N GLN A 204 24.82 9.33 -6.66
CA GLN A 204 24.40 9.08 -5.28
C GLN A 204 25.60 9.06 -4.33
N ARG A 205 26.68 8.40 -4.75
CA ARG A 205 27.94 8.37 -3.99
C ARG A 205 27.72 7.89 -2.55
N SER A 206 26.93 6.84 -2.39
CA SER A 206 26.63 6.26 -1.09
C SER A 206 26.77 4.74 -1.16
N GLU A 207 26.51 4.10 -0.04
CA GLU A 207 26.55 2.64 0.02
C GLU A 207 25.39 2.07 -0.77
N ARG A 208 25.69 1.16 -1.72
CA ARG A 208 24.65 0.61 -2.57
C ARG A 208 23.74 -0.36 -1.82
N LYS A 209 24.16 -0.86 -0.66
CA LYS A 209 23.39 -1.87 0.06
C LYS A 209 22.26 -1.29 0.89
N LYS A 210 22.15 0.05 0.98
CA LYS A 210 21.16 0.68 1.83
C LYS A 210 19.97 1.25 1.08
N TRP A 211 20.08 1.44 -0.24
CA TRP A 211 18.98 1.97 -1.02
C TRP A 211 18.66 1.11 -2.24
N ILE A 212 19.28 -0.06 -2.38
CA ILE A 212 18.96 -0.96 -3.49
C ILE A 212 17.66 -1.71 -3.27
N HIS A 213 17.11 -1.66 -2.05
CA HIS A 213 15.83 -2.30 -1.79
C HIS A 213 14.71 -1.65 -2.59
N CYS A 214 14.84 -0.35 -2.87
CA CYS A 214 13.76 0.39 -3.52
C CYS A 214 13.48 -0.09 -4.94
N PHE A 215 14.45 -0.72 -5.59
CA PHE A 215 14.33 -1.11 -6.99
C PHE A 215 13.93 -2.56 -7.17
N GLU A 216 13.50 -3.24 -6.12
CA GLU A 216 12.95 -4.58 -6.26
C GLU A 216 11.67 -4.53 -7.09
N GLY A 217 11.54 -5.46 -8.03
CA GLY A 217 10.41 -5.48 -8.92
C GLY A 217 10.59 -4.72 -10.22
N VAL A 218 11.73 -4.06 -10.41
CA VAL A 218 12.01 -3.39 -11.67
C VAL A 218 12.11 -4.42 -12.78
N THR A 219 11.54 -4.09 -13.95
CA THR A 219 11.45 -5.08 -15.02
C THR A 219 12.82 -5.53 -15.52
N ALA A 220 13.74 -4.58 -15.72
CA ALA A 220 15.05 -4.95 -16.25
C ALA A 220 16.10 -3.94 -15.83
N ILE A 221 17.35 -4.38 -15.83
CA ILE A 221 18.49 -3.55 -15.47
C ILE A 221 19.37 -3.41 -16.70
N ILE A 222 19.51 -2.17 -17.19
CA ILE A 222 20.31 -1.88 -18.37
C ILE A 222 21.73 -1.55 -17.91
N PHE A 223 22.64 -2.51 -18.08
CA PHE A 223 24.04 -2.35 -17.72
C PHE A 223 24.82 -1.95 -18.96
N CYS A 224 25.73 -0.99 -18.80
CA CYS A 224 26.57 -0.50 -19.90
C CYS A 224 28.03 -0.70 -19.56
N VAL A 225 28.80 -1.17 -20.54
CA VAL A 225 30.24 -1.40 -20.38
C VAL A 225 30.97 -0.66 -21.50
N ALA A 226 32.07 -0.02 -21.11
CA ALA A 226 32.85 0.77 -22.07
C ALA A 226 33.45 -0.09 -23.16
N LEU A 227 33.92 -1.29 -22.84
CA LEU A 227 34.52 -2.26 -23.75
C LEU A 227 35.83 -1.77 -24.35
N SER A 228 36.29 -0.57 -24.00
CA SER A 228 37.57 -0.05 -24.42
C SER A 228 38.36 0.49 -23.24
N ASP A 229 38.01 0.04 -22.03
CA ASP A 229 38.66 0.48 -20.80
C ASP A 229 39.52 -0.60 -20.18
N TYR A 230 40.05 -1.52 -20.99
CA TYR A 230 40.92 -2.58 -20.51
C TYR A 230 42.38 -2.17 -20.45
N ASP A 231 42.74 -0.99 -20.94
CA ASP A 231 44.13 -0.58 -21.07
C ASP A 231 44.56 0.46 -20.03
N LEU A 232 43.87 0.54 -18.90
CA LEU A 232 44.28 1.49 -17.86
C LEU A 232 45.59 1.11 -17.18
N VAL A 233 46.06 -0.13 -17.35
CA VAL A 233 47.33 -0.54 -16.78
C VAL A 233 48.34 -0.81 -17.89
N ASN A 241 43.13 -0.86 -13.38
CA ASN A 241 42.30 -1.15 -14.53
C ASN A 241 40.82 -1.13 -14.12
N ARG A 242 40.06 -0.22 -14.73
CA ARG A 242 38.64 -0.13 -14.43
C ARG A 242 37.81 -1.16 -15.17
N MET A 243 38.42 -1.91 -16.10
CA MET A 243 37.73 -3.02 -16.73
C MET A 243 37.41 -4.11 -15.72
N HIS A 244 38.38 -4.41 -14.83
CA HIS A 244 38.10 -5.33 -13.74
C HIS A 244 37.08 -4.74 -12.78
N GLU A 245 37.04 -3.40 -12.64
CA GLU A 245 35.99 -2.78 -11.85
C GLU A 245 34.61 -3.03 -12.46
N SER A 246 34.51 -2.91 -13.79
CA SER A 246 33.24 -3.21 -14.45
C SER A 246 32.87 -4.68 -14.28
N MET A 247 33.85 -5.57 -14.40
CA MET A 247 33.58 -7.00 -14.18
C MET A 247 33.08 -7.25 -12.76
N LYS A 248 33.71 -6.63 -11.76
CA LYS A 248 33.29 -6.81 -10.38
C LYS A 248 31.89 -6.24 -10.15
N LEU A 249 31.59 -5.09 -10.75
CA LEU A 249 30.26 -4.51 -10.60
C LEU A 249 29.19 -5.39 -11.24
N PHE A 250 29.48 -5.94 -12.42
CA PHE A 250 28.53 -6.86 -13.05
C PHE A 250 28.33 -8.11 -12.21
N ASP A 251 29.41 -8.64 -11.62
CA ASP A 251 29.28 -9.79 -10.75
C ASP A 251 28.44 -9.47 -9.53
N SER A 252 28.64 -8.28 -8.95
CA SER A 252 27.88 -7.89 -7.76
C SER A 252 26.40 -7.73 -8.08
N ILE A 253 26.08 -7.09 -9.22
CA ILE A 253 24.68 -6.82 -9.54
C ILE A 253 23.97 -8.09 -10.00
N CYS A 254 24.64 -8.91 -10.82
CA CYS A 254 23.99 -10.09 -11.37
C CYS A 254 23.63 -11.09 -10.28
N ASN A 255 24.51 -11.28 -9.30
CA ASN A 255 24.30 -12.27 -8.25
C ASN A 255 23.61 -11.69 -7.02
N ASN A 256 22.96 -10.54 -7.15
CA ASN A 256 22.27 -9.92 -6.03
C ASN A 256 21.10 -10.77 -5.58
N LYS A 257 20.78 -10.69 -4.28
CA LYS A 257 19.63 -11.42 -3.75
C LYS A 257 18.31 -10.79 -4.14
N TRP A 258 18.27 -9.46 -4.27
CA TRP A 258 17.04 -8.80 -4.69
C TRP A 258 16.77 -8.99 -6.17
N PHE A 259 17.82 -9.12 -6.97
CA PHE A 259 17.70 -9.25 -8.43
C PHE A 259 17.90 -10.69 -8.89
N THR A 260 17.39 -11.66 -8.14
CA THR A 260 17.53 -13.05 -8.53
C THR A 260 16.65 -13.42 -9.72
N ASP A 261 15.66 -12.60 -10.06
CA ASP A 261 14.77 -12.86 -11.18
C ASP A 261 14.62 -11.66 -12.09
N THR A 262 15.55 -10.72 -12.05
CA THR A 262 15.51 -9.52 -12.87
C THR A 262 16.51 -9.64 -14.00
N SER A 263 16.04 -9.52 -15.24
CA SER A 263 16.89 -9.66 -16.40
C SER A 263 17.80 -8.45 -16.56
N ILE A 264 19.00 -8.71 -17.10
CA ILE A 264 20.03 -7.69 -17.29
C ILE A 264 20.30 -7.57 -18.78
N ILE A 265 20.24 -6.34 -19.28
CA ILE A 265 20.51 -6.03 -20.69
C ILE A 265 21.89 -5.41 -20.77
N LEU A 266 22.84 -6.11 -21.39
CA LEU A 266 24.22 -5.68 -21.45
C LEU A 266 24.46 -4.91 -22.75
N PHE A 267 25.03 -3.71 -22.64
CA PHE A 267 25.42 -2.91 -23.79
C PHE A 267 26.93 -2.78 -23.78
N LEU A 268 27.60 -3.50 -24.67
CA LEU A 268 29.03 -3.34 -24.89
C LEU A 268 29.21 -2.18 -25.87
N ASN A 269 29.64 -1.04 -25.36
CA ASN A 269 29.63 0.21 -26.09
C ASN A 269 31.03 0.47 -26.68
N LYS A 270 31.16 1.60 -27.37
CA LYS A 270 32.43 2.08 -27.92
C LYS A 270 33.02 1.09 -28.92
N LYS A 271 32.29 0.88 -30.02
CA LYS A 271 32.86 0.14 -31.15
C LYS A 271 33.86 0.97 -31.95
N ASP A 272 33.71 2.29 -31.98
CA ASP A 272 34.54 3.11 -32.86
C ASP A 272 36.01 2.98 -32.50
N LEU A 273 36.38 3.41 -31.29
CA LEU A 273 37.79 3.36 -30.89
C LEU A 273 38.29 1.93 -30.82
N PHE A 274 37.47 1.00 -30.32
CA PHE A 274 37.91 -0.38 -30.16
C PHE A 274 38.23 -1.02 -31.51
N GLU A 275 37.40 -0.74 -32.52
CA GLU A 275 37.64 -1.28 -33.86
C GLU A 275 38.76 -0.54 -34.58
N GLU A 276 38.96 0.75 -34.28
CA GLU A 276 40.03 1.50 -34.90
C GLU A 276 41.40 1.20 -34.30
N LYS A 277 41.45 0.69 -33.08
CA LYS A 277 42.71 0.39 -32.41
C LYS A 277 43.15 -1.05 -32.59
N ILE A 278 42.51 -1.79 -33.50
CA ILE A 278 42.85 -3.20 -33.69
C ILE A 278 44.27 -3.37 -34.24
N LYS A 279 44.85 -2.32 -34.83
CA LYS A 279 46.18 -2.44 -35.40
C LYS A 279 47.23 -2.75 -34.33
N LYS A 280 47.13 -2.10 -33.18
CA LYS A 280 48.08 -2.27 -32.09
C LYS A 280 47.36 -2.45 -30.76
N SER A 281 46.35 -3.30 -30.75
CA SER A 281 45.59 -3.55 -29.52
C SER A 281 46.37 -4.47 -28.58
N PRO A 282 46.70 -4.03 -27.36
CA PRO A 282 47.32 -4.91 -26.37
C PRO A 282 46.30 -5.69 -25.56
N LEU A 283 45.36 -6.34 -26.26
CA LEU A 283 44.25 -6.99 -25.57
C LEU A 283 44.72 -8.24 -24.82
N THR A 284 45.86 -8.81 -25.25
CA THR A 284 46.41 -9.95 -24.54
C THR A 284 46.93 -9.56 -23.16
N ILE A 285 47.16 -8.27 -22.92
CA ILE A 285 47.66 -7.83 -21.63
C ILE A 285 46.64 -8.11 -20.53
N CYS A 286 45.38 -7.73 -20.76
CA CYS A 286 44.34 -7.97 -19.77
C CYS A 286 43.82 -9.40 -19.80
N TYR A 287 44.14 -10.15 -20.84
CA TYR A 287 43.61 -11.50 -21.04
C TYR A 287 44.77 -12.45 -21.28
N PRO A 288 45.47 -12.87 -20.21
CA PRO A 288 46.63 -13.75 -20.39
C PRO A 288 46.30 -15.09 -21.03
N GLU A 289 45.10 -15.62 -20.82
CA GLU A 289 44.74 -16.93 -21.33
C GLU A 289 44.13 -16.87 -22.73
N TYR A 290 44.07 -15.69 -23.35
CA TYR A 290 43.41 -15.52 -24.63
C TYR A 290 44.42 -15.59 -25.77
N ALA A 291 44.08 -16.36 -26.80
CA ALA A 291 44.81 -16.37 -28.06
C ALA A 291 43.80 -16.31 -29.20
N GLY A 292 44.02 -15.40 -30.14
CA GLY A 292 43.06 -15.21 -31.21
C GLY A 292 43.60 -14.32 -32.31
N SER A 293 42.81 -14.21 -33.36
CA SER A 293 43.18 -13.41 -34.53
C SER A 293 43.01 -11.92 -34.24
N ASN A 294 43.55 -11.11 -35.15
CA ASN A 294 43.47 -9.66 -35.03
C ASN A 294 42.10 -9.10 -35.37
N THR A 295 41.23 -9.90 -35.98
CA THR A 295 39.88 -9.42 -36.31
C THR A 295 39.10 -9.15 -35.03
N TYR A 296 38.21 -8.16 -35.09
CA TYR A 296 37.45 -7.78 -33.90
C TYR A 296 36.45 -8.85 -33.49
N GLU A 297 36.08 -9.73 -34.42
CA GLU A 297 35.02 -10.70 -34.15
C GLU A 297 35.41 -11.67 -33.03
N GLU A 298 36.61 -12.25 -33.12
CA GLU A 298 37.03 -13.23 -32.11
C GLU A 298 37.19 -12.59 -30.75
N ALA A 299 37.81 -11.42 -30.69
CA ALA A 299 37.99 -10.73 -29.41
C ALA A 299 36.64 -10.35 -28.80
N ALA A 300 35.73 -9.84 -29.63
CA ALA A 300 34.40 -9.48 -29.14
C ALA A 300 33.65 -10.69 -28.61
N ALA A 301 33.72 -11.82 -29.33
CA ALA A 301 33.08 -13.03 -28.87
C ALA A 301 33.69 -13.51 -27.56
N TYR A 302 35.02 -13.47 -27.44
CA TYR A 302 35.66 -13.91 -26.21
C TYR A 302 35.24 -13.05 -25.02
N ILE A 303 35.22 -11.72 -25.20
CA ILE A 303 34.89 -10.83 -24.10
C ILE A 303 33.41 -10.96 -23.72
N GLN A 304 32.54 -11.14 -24.72
CA GLN A 304 31.13 -11.35 -24.42
C GLN A 304 30.92 -12.64 -23.65
N CYS A 305 31.59 -13.72 -24.06
CA CYS A 305 31.48 -14.98 -23.32
C CYS A 305 32.04 -14.83 -21.92
N GLN A 306 33.09 -14.03 -21.74
CA GLN A 306 33.61 -13.79 -20.40
C GLN A 306 32.58 -13.10 -19.52
N PHE A 307 31.87 -12.09 -20.05
CA PHE A 307 30.82 -11.47 -19.23
C PHE A 307 29.64 -12.41 -18.99
N GLU A 308 29.28 -13.24 -19.96
CA GLU A 308 28.19 -14.19 -19.71
C GLU A 308 28.59 -15.23 -18.68
N ASP A 309 29.89 -15.53 -18.57
CA ASP A 309 30.35 -16.57 -17.66
C ASP A 309 30.13 -16.23 -16.19
N LEU A 310 30.00 -14.94 -15.85
CA LEU A 310 29.82 -14.57 -14.45
C LEU A 310 28.43 -14.90 -13.92
N ASN A 311 27.46 -15.15 -14.80
CA ASN A 311 26.11 -15.46 -14.35
C ASN A 311 26.09 -16.82 -13.64
N LYS A 312 25.39 -16.87 -12.51
CA LYS A 312 25.25 -18.12 -11.76
C LYS A 312 23.83 -18.67 -11.79
N ARG A 313 22.84 -17.84 -12.10
CA ARG A 313 21.44 -18.26 -12.20
C ARG A 313 21.09 -18.35 -13.69
N LYS A 314 21.22 -19.54 -14.25
CA LYS A 314 20.92 -19.78 -15.65
C LYS A 314 19.48 -20.18 -15.90
N ASP A 315 18.68 -20.34 -14.85
CA ASP A 315 17.30 -20.78 -14.98
C ASP A 315 16.29 -19.64 -15.00
N THR A 316 16.51 -18.58 -14.23
CA THR A 316 15.61 -17.44 -14.18
C THR A 316 16.13 -16.25 -14.98
N LYS A 317 17.35 -15.81 -14.70
CA LYS A 317 17.91 -14.64 -15.33
C LYS A 317 18.38 -14.96 -16.75
N GLU A 318 18.55 -13.90 -17.54
CA GLU A 318 19.04 -14.04 -18.92
C GLU A 318 19.66 -12.72 -19.34
N ILE A 319 20.93 -12.76 -19.72
CA ILE A 319 21.66 -11.56 -20.11
C ILE A 319 21.53 -11.37 -21.62
N TYR A 320 21.14 -10.16 -22.03
CA TYR A 320 20.99 -9.81 -23.43
C TYR A 320 22.11 -8.85 -23.82
N THR A 321 22.61 -8.99 -25.05
CA THR A 321 23.70 -8.16 -25.56
C THR A 321 23.30 -7.52 -26.88
N HIS A 322 23.84 -6.34 -27.14
CA HIS A 322 23.50 -5.61 -28.37
C HIS A 322 24.70 -5.05 -29.12
N PHE A 323 25.83 -4.79 -28.45
CA PHE A 323 27.02 -4.21 -29.07
C PHE A 323 26.70 -2.84 -29.67
N THR A 324 26.26 -1.93 -28.80
CA THR A 324 25.79 -0.62 -29.26
C THR A 324 26.94 0.23 -29.78
N CYS A 325 26.62 1.09 -30.74
CA CYS A 325 27.54 2.04 -31.32
C CYS A 325 27.08 3.46 -31.01
N ALA A 326 27.98 4.42 -31.24
CA ALA A 326 27.65 5.81 -30.97
C ALA A 326 26.58 6.33 -31.93
N THR A 327 26.59 5.85 -33.17
CA THR A 327 25.71 6.35 -34.23
C THR A 327 24.58 5.37 -34.55
N ASP A 328 24.18 4.56 -33.58
CA ASP A 328 23.09 3.63 -33.81
C ASP A 328 21.74 4.36 -33.79
N THR A 329 20.72 3.65 -34.26
CA THR A 329 19.35 4.17 -34.26
C THR A 329 18.40 3.11 -33.72
N LYS A 330 18.83 1.84 -33.74
CA LYS A 330 18.01 0.71 -33.33
C LYS A 330 18.23 0.33 -31.87
N ASN A 331 18.75 1.24 -31.05
CA ASN A 331 18.97 0.92 -29.64
C ASN A 331 17.64 0.71 -28.92
N VAL A 332 16.64 1.53 -29.22
CA VAL A 332 15.34 1.41 -28.55
C VAL A 332 14.63 0.13 -28.98
N GLN A 333 14.83 -0.30 -30.23
CA GLN A 333 14.19 -1.51 -30.71
C GLN A 333 14.65 -2.73 -29.91
N PHE A 334 15.94 -2.82 -29.61
CA PHE A 334 16.46 -3.96 -28.88
C PHE A 334 15.88 -4.03 -27.48
N VAL A 335 15.84 -2.89 -26.78
CA VAL A 335 15.30 -2.89 -25.42
C VAL A 335 13.80 -3.17 -25.45
N PHE A 336 13.09 -2.69 -26.47
CA PHE A 336 11.66 -2.99 -26.59
C PHE A 336 11.43 -4.48 -26.78
N ASP A 337 12.22 -5.11 -27.66
CA ASP A 337 12.07 -6.55 -27.85
C ASP A 337 12.42 -7.32 -26.60
N ALA A 338 13.47 -6.88 -25.89
CA ALA A 338 13.87 -7.57 -24.67
C ALA A 338 12.79 -7.47 -23.59
N VAL A 339 12.19 -6.28 -23.42
CA VAL A 339 11.15 -6.15 -22.41
C VAL A 339 9.90 -6.92 -22.80
N THR A 340 9.58 -6.97 -24.10
CA THR A 340 8.46 -7.80 -24.53
C THR A 340 8.72 -9.27 -24.22
N ASP A 341 9.95 -9.75 -24.48
CA ASP A 341 10.27 -11.14 -24.19
C ASP A 341 10.19 -11.44 -22.70
N VAL A 342 10.73 -10.55 -21.86
CA VAL A 342 10.71 -10.83 -20.43
C VAL A 342 9.28 -10.74 -19.89
N ILE A 343 8.45 -9.85 -20.44
CA ILE A 343 7.07 -9.75 -19.96
C ILE A 343 6.27 -10.98 -20.38
N ILE A 344 6.54 -11.51 -21.58
CA ILE A 344 5.86 -12.73 -22.00
C ILE A 344 6.29 -13.91 -21.14
N LYS A 345 7.58 -14.00 -20.83
CA LYS A 345 8.06 -15.08 -19.97
C LYS A 345 7.47 -14.96 -18.56
N ASN A 346 7.36 -13.74 -18.04
CA ASN A 346 6.74 -13.54 -16.73
C ASN A 346 5.27 -13.96 -16.75
N ASN A 347 4.55 -13.60 -17.81
CA ASN A 347 3.15 -14.01 -17.93
C ASN A 347 3.03 -15.53 -17.97
N LEU A 348 3.91 -16.19 -18.72
CA LEU A 348 3.87 -17.65 -18.79
C LEU A 348 4.18 -18.28 -17.43
N LYS A 349 5.18 -17.73 -16.73
CA LYS A 349 5.51 -18.26 -15.41
C LYS A 349 4.36 -18.10 -14.43
N ASP A 350 3.70 -16.94 -14.46
CA ASP A 350 2.56 -16.73 -13.57
C ASP A 350 1.37 -17.60 -13.95
N CYS A 351 1.16 -17.84 -15.25
CA CYS A 351 0.00 -18.62 -15.69
C CYS A 351 0.08 -20.06 -15.21
N GLY A 352 1.25 -20.68 -15.33
CA GLY A 352 1.42 -22.04 -14.85
C GLY A 352 2.12 -22.97 -15.82
N LEU A 353 2.31 -22.52 -17.06
CA LEU A 353 2.95 -23.38 -18.06
C LEU A 353 4.43 -23.58 -17.75
N PHE A 354 5.07 -22.57 -17.18
CA PHE A 354 6.48 -22.66 -16.81
C PHE A 354 6.62 -22.87 -15.31
N GLU B 19 56.33 11.64 13.40
CA GLU B 19 55.37 12.67 13.00
C GLU B 19 53.95 12.11 12.98
N LEU B 20 53.61 11.40 11.90
CA LEU B 20 52.28 10.80 11.81
C LEU B 20 52.13 9.65 12.79
N ASP B 21 53.20 8.87 13.00
CA ASP B 21 53.15 7.78 13.96
C ASP B 21 52.95 8.30 15.38
N GLN B 22 53.54 9.47 15.69
CA GLN B 22 53.33 10.08 17.00
C GLN B 22 51.86 10.43 17.20
N LEU B 23 51.21 11.00 16.17
CA LEU B 23 49.79 11.31 16.27
C LEU B 23 48.96 10.04 16.38
N ARG B 24 49.36 8.98 15.66
CA ARG B 24 48.65 7.71 15.78
C ARG B 24 48.73 7.16 17.19
N GLN B 25 49.91 7.22 17.80
CA GLN B 25 50.06 6.78 19.18
C GLN B 25 49.24 7.65 20.14
N GLU B 26 49.20 8.96 19.87
CA GLU B 26 48.39 9.86 20.69
C GLU B 26 46.92 9.48 20.64
N ALA B 27 46.38 9.28 19.43
CA ALA B 27 44.99 8.88 19.29
C ALA B 27 44.74 7.51 19.92
N GLU B 28 45.70 6.59 19.78
CA GLU B 28 45.55 5.27 20.36
C GLU B 28 45.47 5.34 21.88
N GLN B 29 46.28 6.21 22.50
CA GLN B 29 46.27 6.28 23.95
C GLN B 29 45.06 7.07 24.45
N LEU B 30 44.55 8.01 23.63
CA LEU B 30 43.22 8.55 23.91
C LEU B 30 42.16 7.44 23.95
N LYS B 31 42.18 6.55 22.95
CA LYS B 31 41.22 5.47 22.92
C LYS B 31 41.37 4.57 24.15
N ASN B 32 42.62 4.25 24.51
CA ASN B 32 42.86 3.42 25.68
C ASN B 32 42.37 4.09 26.96
N GLN B 33 42.63 5.39 27.13
CA GLN B 33 42.22 6.06 28.35
C GLN B 33 40.71 6.17 28.44
N ILE B 34 40.02 6.45 27.33
CA ILE B 34 38.58 6.54 27.40
C ILE B 34 37.96 5.16 27.65
N ARG B 35 38.53 4.10 27.04
CA ARG B 35 38.02 2.76 27.29
C ARG B 35 38.25 2.35 28.74
N ASP B 36 39.39 2.73 29.32
CA ASP B 36 39.63 2.45 30.73
C ASP B 36 38.72 3.26 31.63
N ALA B 37 38.42 4.50 31.27
CA ALA B 37 37.54 5.33 32.08
C ALA B 37 36.11 4.83 32.05
N ARG B 38 35.65 4.30 30.91
CA ARG B 38 34.31 3.74 30.87
C ARG B 38 34.25 2.31 31.39
N LYS B 39 35.38 1.73 31.79
CA LYS B 39 35.39 0.39 32.36
C LYS B 39 35.98 0.42 33.76
N ASP B 43 31.96 -2.07 37.87
CA ASP B 43 30.64 -1.48 37.78
C ASP B 43 29.55 -2.48 38.18
N ALA B 44 28.46 -2.50 37.42
CA ALA B 44 27.36 -3.41 37.68
C ALA B 44 26.67 -3.71 36.35
N THR B 45 25.82 -4.74 36.37
CA THR B 45 25.08 -5.14 35.19
C THR B 45 23.59 -4.98 35.44
N LEU B 46 22.90 -4.33 34.50
CA LEU B 46 21.46 -4.14 34.63
C LEU B 46 20.75 -5.48 34.63
N SER B 47 21.20 -6.42 33.80
CA SER B 47 20.56 -7.72 33.71
C SER B 47 20.61 -8.49 35.02
N GLN B 48 21.61 -8.23 35.87
CA GLN B 48 21.68 -8.95 37.13
C GLN B 48 21.08 -8.14 38.27
N ILE B 49 21.09 -6.80 38.18
CA ILE B 49 20.46 -6.03 39.24
C ILE B 49 18.95 -6.03 39.11
N THR B 50 18.41 -6.25 37.91
CA THR B 50 16.97 -6.31 37.68
C THR B 50 16.36 -7.62 38.22
N ASN B 51 17.15 -8.45 38.89
CA ASN B 51 16.67 -9.71 39.45
C ASN B 51 15.58 -9.44 40.49
N ASN B 52 14.73 -10.45 40.69
CA ASN B 52 13.60 -10.36 41.61
C ASN B 52 12.64 -9.24 41.20
N ILE B 53 12.15 -9.31 39.97
CA ILE B 53 11.14 -8.40 39.46
C ILE B 53 10.03 -9.22 38.80
N ASP B 54 8.86 -8.62 38.70
CA ASP B 54 7.69 -9.32 38.16
C ASP B 54 7.69 -9.24 36.63
N PRO B 55 7.73 -10.37 35.92
CA PRO B 55 7.64 -10.33 34.46
C PRO B 55 6.26 -9.92 34.01
N VAL B 56 6.20 -9.37 32.79
CA VAL B 56 4.92 -8.98 32.23
C VAL B 56 4.05 -10.19 31.94
N GLY B 57 4.67 -11.30 31.55
CA GLY B 57 3.92 -12.51 31.24
C GLY B 57 3.81 -12.75 29.75
N ARG B 58 2.58 -12.77 29.24
CA ARG B 58 2.33 -12.92 27.82
C ARG B 58 1.50 -11.72 27.35
N ILE B 59 1.99 -11.03 26.32
CA ILE B 59 1.33 -9.84 25.78
C ILE B 59 0.92 -10.16 24.35
N GLN B 60 -0.39 -10.08 24.08
CA GLN B 60 -0.97 -10.59 22.85
C GLN B 60 -1.97 -9.60 22.27
N MET B 61 -1.57 -8.35 22.08
CA MET B 61 -2.48 -7.37 21.52
C MET B 61 -2.95 -7.81 20.13
N ARG B 62 -4.25 -7.73 19.90
CA ARG B 62 -4.85 -8.11 18.64
C ARG B 62 -5.06 -6.87 17.78
N THR B 63 -5.13 -7.07 16.48
CA THR B 63 -5.37 -5.94 15.58
C THR B 63 -6.75 -5.36 15.82
N ARG B 64 -6.83 -4.03 15.83
CA ARG B 64 -8.09 -3.33 16.01
C ARG B 64 -8.56 -2.60 14.76
N ARG B 65 -7.64 -2.06 13.97
CA ARG B 65 -8.01 -1.40 12.73
C ARG B 65 -7.07 -1.83 11.62
N THR B 66 -7.63 -2.03 10.42
CA THR B 66 -6.86 -2.30 9.22
C THR B 66 -7.09 -1.18 8.23
N LEU B 67 -6.00 -0.61 7.73
CA LEU B 67 -6.04 0.59 6.89
C LEU B 67 -5.60 0.22 5.49
N ARG B 68 -6.44 0.51 4.50
CA ARG B 68 -6.19 0.18 3.10
C ARG B 68 -6.11 1.47 2.29
N GLY B 69 -5.46 1.30 1.18
CA GLY B 69 -5.31 2.39 0.31
C GLY B 69 -3.98 2.55 -0.28
N HIS B 70 -2.91 2.08 0.33
CA HIS B 70 -1.62 2.32 -0.29
C HIS B 70 -1.41 1.23 -1.27
N LEU B 71 -0.99 1.47 -2.50
CA LEU B 71 -0.70 0.34 -3.38
C LEU B 71 0.79 0.35 -3.65
N ALA B 72 1.59 0.04 -2.68
CA ALA B 72 3.04 0.13 -2.65
C ALA B 72 3.57 -0.51 -1.37
N LYS B 73 4.88 -0.50 -1.20
CA LYS B 73 5.50 -0.85 0.08
C LYS B 73 5.70 0.44 0.87
N ILE B 74 5.02 0.57 2.00
CA ILE B 74 5.14 1.79 2.79
C ILE B 74 6.49 1.79 3.51
N TYR B 75 7.03 2.99 3.72
CA TYR B 75 8.38 3.11 4.24
C TYR B 75 8.49 3.89 5.55
N ALA B 76 7.55 4.77 5.86
CA ALA B 76 7.63 5.54 7.09
C ALA B 76 6.25 6.01 7.50
N MET B 77 6.14 6.40 8.77
CA MET B 77 4.91 6.96 9.31
C MET B 77 5.25 7.75 10.56
N HIS B 78 4.25 8.44 11.09
CA HIS B 78 4.43 9.22 12.31
C HIS B 78 3.08 9.49 12.95
N TRP B 79 2.96 9.23 14.25
CA TRP B 79 1.72 9.49 14.96
C TRP B 79 1.47 10.97 15.10
N GLY B 80 0.21 11.35 15.26
CA GLY B 80 -0.14 12.73 15.49
C GLY B 80 0.17 13.15 16.92
N THR B 81 0.04 14.46 17.15
CA THR B 81 0.27 14.99 18.49
C THR B 81 -0.83 14.62 19.46
N ASP B 82 -2.08 14.50 18.98
CA ASP B 82 -3.22 14.17 19.81
C ASP B 82 -3.50 12.67 19.85
N SER B 83 -2.62 11.84 19.30
CA SER B 83 -2.74 10.38 19.34
C SER B 83 -4.00 9.91 18.63
N ARG B 84 -4.47 10.65 17.64
CA ARG B 84 -5.62 10.25 16.84
C ARG B 84 -5.41 10.37 15.34
N LEU B 85 -4.47 11.19 14.87
CA LEU B 85 -4.21 11.37 13.46
C LEU B 85 -2.90 10.68 13.09
N LEU B 86 -2.80 10.25 11.83
CA LEU B 86 -1.64 9.52 11.34
C LEU B 86 -1.24 10.08 9.98
N VAL B 87 0.03 9.88 9.63
CA VAL B 87 0.56 10.20 8.31
C VAL B 87 1.39 9.02 7.84
N SER B 88 1.20 8.63 6.58
CA SER B 88 1.92 7.48 6.03
C SER B 88 2.42 7.79 4.63
N GLY B 93 4.08 7.10 -4.02
CA GLY B 93 4.25 8.50 -4.23
C GLY B 93 3.05 9.17 -3.77
N LYS B 94 2.65 8.96 -2.51
CA LYS B 94 1.45 9.49 -1.93
C LYS B 94 1.63 9.65 -0.48
N LEU B 95 1.07 10.68 0.12
CA LEU B 95 1.18 10.86 1.56
C LEU B 95 -0.23 10.96 2.12
N ILE B 96 -0.59 10.04 3.01
CA ILE B 96 -1.97 9.86 3.44
C ILE B 96 -2.10 10.29 4.89
N ILE B 97 -3.10 11.12 5.18
CA ILE B 97 -3.48 11.43 6.55
C ILE B 97 -4.65 10.52 6.93
N TRP B 98 -4.56 9.90 8.09
CA TRP B 98 -5.49 8.87 8.51
C TRP B 98 -6.43 9.41 9.58
N ASP B 99 -7.24 8.49 10.13
CA ASP B 99 -8.01 8.75 11.34
C ASP B 99 -8.12 7.42 12.07
N SER B 100 -7.31 7.24 13.11
CA SER B 100 -7.18 5.94 13.75
C SER B 100 -8.47 5.50 14.43
N TYR B 101 -9.32 6.45 14.83
CA TYR B 101 -10.55 6.08 15.53
C TYR B 101 -11.57 5.51 14.56
N THR B 102 -11.99 6.29 13.58
CA THR B 102 -12.85 5.82 12.50
C THR B 102 -12.06 5.91 11.20
N THR B 103 -12.04 4.81 10.44
CA THR B 103 -11.13 4.71 9.31
C THR B 103 -11.54 5.65 8.19
N ASN B 104 -10.96 6.84 8.16
CA ASN B 104 -11.29 7.86 7.18
C ASN B 104 -10.01 8.51 6.66
N LYS B 105 -9.95 8.75 5.36
CA LYS B 105 -8.81 9.43 4.76
C LYS B 105 -9.07 10.94 4.84
N VAL B 106 -8.36 11.62 5.75
CA VAL B 106 -8.57 13.06 5.90
C VAL B 106 -8.09 13.80 4.66
N HIS B 107 -6.91 13.48 4.16
CA HIS B 107 -6.41 14.14 2.97
C HIS B 107 -5.22 13.36 2.43
N ALA B 108 -5.11 13.31 1.11
CA ALA B 108 -4.01 12.65 0.41
C ALA B 108 -3.24 13.67 -0.40
N ILE B 109 -1.91 13.60 -0.32
CA ILE B 109 -1.01 14.59 -0.90
C ILE B 109 -0.17 13.91 -1.96
N PRO B 110 -0.15 14.41 -3.21
CA PRO B 110 0.73 13.82 -4.22
C PRO B 110 2.13 14.39 -4.17
N VAL B 116 10.53 7.90 -1.29
CA VAL B 116 10.47 8.58 0.01
C VAL B 116 10.84 7.58 1.09
N MET B 117 11.61 8.05 2.07
CA MET B 117 12.04 7.22 3.18
C MET B 117 11.71 7.79 4.54
N THR B 118 11.11 8.99 4.61
CA THR B 118 10.94 9.71 5.85
C THR B 118 9.52 10.24 5.98
N CYS B 119 9.09 10.42 7.22
CA CYS B 119 7.85 11.12 7.52
C CYS B 119 8.05 11.93 8.80
N ALA B 120 7.25 12.98 8.93
CA ALA B 120 7.28 13.82 10.12
C ALA B 120 5.95 14.56 10.22
N TYR B 121 5.42 14.63 11.43
CA TYR B 121 4.15 15.31 11.69
C TYR B 121 4.42 16.38 12.73
N ALA B 122 4.17 17.63 12.38
CA ALA B 122 4.58 18.74 13.24
C ALA B 122 3.83 18.68 14.58
N PRO B 123 4.46 19.09 15.68
CA PRO B 123 3.79 19.05 16.98
C PRO B 123 2.51 19.88 17.02
N SER B 124 2.48 21.02 16.32
CA SER B 124 1.27 21.81 16.25
C SER B 124 0.23 21.21 15.32
N GLY B 125 0.63 20.25 14.49
CA GLY B 125 -0.27 19.65 13.53
C GLY B 125 -0.46 20.43 12.24
N ASN B 126 0.22 21.57 12.10
CA ASN B 126 0.07 22.40 10.91
C ASN B 126 0.83 21.86 9.70
N TYR B 127 2.00 21.26 9.92
CA TYR B 127 2.89 20.89 8.84
C TYR B 127 3.22 19.41 8.88
N VAL B 128 3.61 18.88 7.72
CA VAL B 128 4.21 17.57 7.60
C VAL B 128 5.45 17.70 6.74
N ALA B 129 6.32 16.68 6.82
CA ALA B 129 7.58 16.70 6.08
C ALA B 129 7.80 15.37 5.39
N CYS B 130 8.45 15.42 4.23
CA CYS B 130 8.78 14.18 3.52
C CYS B 130 10.07 14.35 2.75
N GLY B 131 10.85 13.27 2.69
CA GLY B 131 12.10 13.29 1.96
C GLY B 131 12.59 11.89 1.67
N GLY B 132 13.34 11.77 0.58
CA GLY B 132 13.83 10.47 0.16
C GLY B 132 15.14 10.51 -0.61
N LEU B 133 15.21 9.74 -1.71
CA LEU B 133 16.40 9.64 -2.54
C LEU B 133 16.66 10.89 -3.37
N ASP B 134 15.74 11.85 -3.38
CA ASP B 134 15.87 13.04 -4.20
C ASP B 134 16.87 14.03 -3.59
N ASN B 135 17.24 13.84 -2.32
CA ASN B 135 18.20 14.64 -1.56
C ASN B 135 17.64 15.99 -1.14
N ILE B 136 16.32 16.18 -1.18
CA ILE B 136 15.68 17.38 -0.68
C ILE B 136 14.54 16.95 0.24
N CYS B 137 14.16 17.84 1.16
CA CYS B 137 13.04 17.58 2.06
C CYS B 137 11.99 18.66 1.87
N SER B 138 10.74 18.22 1.73
CA SER B 138 9.61 19.09 1.40
C SER B 138 8.70 19.22 2.62
N ILE B 139 8.25 20.45 2.86
CA ILE B 139 7.36 20.79 3.96
C ILE B 139 5.98 21.11 3.38
N TYR B 140 4.95 20.45 3.89
CA TYR B 140 3.59 20.63 3.43
C TYR B 140 2.75 21.27 4.54
N ASN B 141 1.94 22.25 4.15
CA ASN B 141 1.08 22.99 5.08
C ASN B 141 -0.34 22.46 4.99
N LEU B 142 -0.91 22.11 6.14
CA LEU B 142 -2.21 21.45 6.19
C LEU B 142 -3.36 22.44 6.39
N LYS B 143 -3.33 23.19 7.49
CA LYS B 143 -4.42 24.10 7.84
C LYS B 143 -4.19 25.43 7.13
N THR B 144 -4.84 25.60 5.99
CA THR B 144 -4.76 26.83 5.20
C THR B 144 -6.13 27.18 4.68
N ARG B 145 -6.26 28.41 4.16
CA ARG B 145 -7.45 28.78 3.43
C ARG B 145 -7.48 28.03 2.09
N GLU B 146 -8.64 28.10 1.43
CA GLU B 146 -8.92 27.41 0.16
C GLU B 146 -8.95 25.90 0.31
N GLY B 147 -8.76 25.37 1.51
CA GLY B 147 -8.88 23.94 1.76
C GLY B 147 -7.95 23.08 0.94
N ASN B 148 -6.69 23.49 0.83
CA ASN B 148 -5.71 22.77 0.03
C ASN B 148 -4.40 22.67 0.80
N VAL B 149 -3.60 21.67 0.44
CA VAL B 149 -2.26 21.50 0.99
C VAL B 149 -1.26 21.81 -0.13
N ARG B 150 -0.29 22.67 0.18
CA ARG B 150 0.72 23.07 -0.79
C ARG B 150 2.07 23.11 -0.12
N VAL B 151 3.12 22.96 -0.95
CA VAL B 151 4.48 22.95 -0.44
C VAL B 151 4.82 24.33 0.12
N SER B 152 5.35 24.36 1.34
CA SER B 152 5.79 25.60 1.94
C SER B 152 7.28 25.83 1.79
N ARG B 153 8.08 24.78 1.93
CA ARG B 153 9.52 24.89 1.78
C ARG B 153 10.07 23.65 1.11
N GLU B 154 11.16 23.83 0.35
CA GLU B 154 11.89 22.75 -0.30
C GLU B 154 13.35 22.90 0.11
N LEU B 155 13.70 22.31 1.25
CA LEU B 155 15.06 22.46 1.76
C LEU B 155 16.01 21.52 1.03
N ALA B 156 17.11 22.08 0.54
CA ALA B 156 18.13 21.36 -0.20
C ALA B 156 19.51 21.76 0.30
N GLY B 157 20.50 20.95 -0.04
CA GLY B 157 21.86 21.21 0.40
C GLY B 157 22.63 19.95 0.76
N HIS B 158 21.97 18.80 0.67
CA HIS B 158 22.59 17.51 0.94
C HIS B 158 22.98 16.83 -0.38
N THR B 159 24.12 16.15 -0.36
CA THR B 159 24.56 15.31 -1.46
C THR B 159 24.48 13.87 -0.99
N GLY B 160 23.30 13.28 -1.15
CA GLY B 160 23.06 11.94 -0.65
C GLY B 160 21.57 11.65 -0.64
N TYR B 161 21.16 10.76 0.25
CA TYR B 161 19.76 10.40 0.44
C TYR B 161 19.37 10.61 1.88
N LEU B 162 18.23 11.27 2.11
CA LEU B 162 17.78 11.53 3.47
C LEU B 162 17.31 10.24 4.13
N SER B 163 17.72 10.04 5.38
CA SER B 163 17.32 8.88 6.15
C SER B 163 16.26 9.18 7.19
N CYS B 164 16.30 10.34 7.82
CA CYS B 164 15.28 10.67 8.81
C CYS B 164 15.14 12.19 8.94
N CYS B 165 13.93 12.62 9.28
CA CYS B 165 13.62 14.03 9.50
C CYS B 165 12.72 14.16 10.72
N ARG B 166 13.00 15.16 11.56
CA ARG B 166 12.16 15.42 12.72
C ARG B 166 11.98 16.93 12.89
N PHE B 167 10.76 17.32 13.24
CA PHE B 167 10.45 18.73 13.48
C PHE B 167 10.88 19.10 14.90
N LEU B 168 11.98 19.85 15.01
CA LEU B 168 12.41 20.32 16.33
C LEU B 168 11.39 21.25 16.94
N ASP B 169 11.01 22.30 16.21
CA ASP B 169 9.98 23.24 16.62
C ASP B 169 9.00 23.36 15.47
N ASP B 170 8.10 24.35 15.55
CA ASP B 170 7.24 24.66 14.42
C ASP B 170 8.02 25.34 13.31
N ASN B 171 9.23 25.82 13.60
CA ASN B 171 10.01 26.61 12.67
C ASN B 171 11.38 25.98 12.40
N GLN B 172 11.74 24.91 13.10
CA GLN B 172 13.04 24.28 12.95
C GLN B 172 12.86 22.79 12.72
N ILE B 173 13.67 22.25 11.80
CA ILE B 173 13.64 20.84 11.44
C ILE B 173 15.07 20.33 11.32
N VAL B 174 15.28 19.08 11.74
CA VAL B 174 16.59 18.43 11.67
C VAL B 174 16.50 17.23 10.75
N THR B 175 17.54 17.03 9.93
CA THR B 175 17.56 15.97 8.94
C THR B 175 18.89 15.23 8.97
N SER B 176 18.82 13.90 8.90
CA SER B 176 19.99 13.04 8.79
C SER B 176 19.92 12.26 7.50
N SER B 177 20.99 12.33 6.71
CA SER B 177 21.06 11.75 5.38
C SER B 177 22.28 10.83 5.26
N GLY B 178 22.51 10.37 4.04
CA GLY B 178 23.63 9.50 3.71
C GLY B 178 24.93 10.22 3.39
N ASP B 179 24.97 11.53 3.57
CA ASP B 179 26.19 12.32 3.37
C ASP B 179 27.11 12.29 4.58
N THR B 180 26.91 11.33 5.49
CA THR B 180 27.67 11.18 6.73
C THR B 180 27.53 12.39 7.64
N THR B 181 26.57 13.27 7.38
CA THR B 181 26.40 14.49 8.15
C THR B 181 24.92 14.70 8.46
N CYS B 182 24.66 15.41 9.55
CA CYS B 182 23.32 15.83 9.94
C CYS B 182 23.22 17.34 9.81
N ALA B 183 21.98 17.84 9.69
CA ALA B 183 21.78 19.27 9.48
C ALA B 183 20.59 19.75 10.32
N LEU B 184 20.76 20.94 10.89
CA LEU B 184 19.68 21.66 11.57
C LEU B 184 19.35 22.88 10.72
N TRP B 185 18.10 22.95 10.27
CA TRP B 185 17.65 23.92 9.28
C TRP B 185 16.84 25.03 9.93
N ASP B 186 16.28 25.89 9.08
CA ASP B 186 15.41 26.97 9.49
C ASP B 186 14.34 27.14 8.42
N ILE B 187 13.07 27.02 8.81
CA ILE B 187 12.00 26.96 7.81
C ILE B 187 11.80 28.30 7.12
N GLU B 188 11.80 29.40 7.88
CA GLU B 188 11.45 30.69 7.29
C GLU B 188 12.45 31.10 6.23
N THR B 189 13.74 30.83 6.45
CA THR B 189 14.77 31.03 5.43
C THR B 189 15.50 29.71 5.23
N GLY B 190 15.38 29.14 4.04
CA GLY B 190 15.81 27.78 3.77
C GLY B 190 17.27 27.48 3.96
N GLN B 191 18.07 28.50 4.29
CA GLN B 191 19.49 28.30 4.49
C GLN B 191 19.76 27.43 5.71
N GLN B 192 20.79 26.60 5.61
CA GLN B 192 21.16 25.74 6.73
C GLN B 192 21.62 26.58 7.92
N THR B 193 21.19 26.19 9.11
CA THR B 193 21.63 26.86 10.32
C THR B 193 22.86 26.21 10.94
N THR B 194 22.88 24.88 11.01
CA THR B 194 23.99 24.18 11.63
C THR B 194 24.24 22.87 10.90
N THR B 195 25.52 22.51 10.78
CA THR B 195 25.93 21.24 10.19
C THR B 195 26.71 20.44 11.21
N PHE B 196 26.31 19.18 11.40
CA PHE B 196 26.98 18.25 12.30
C PHE B 196 27.73 17.22 11.47
N THR B 197 29.03 17.09 11.71
CA THR B 197 29.87 16.15 10.98
C THR B 197 30.72 15.36 11.96
N GLY B 198 31.07 14.14 11.57
CA GLY B 198 31.86 13.25 12.41
C GLY B 198 31.29 11.86 12.53
N THR B 200 32.42 9.00 7.34
CA THR B 200 32.65 7.60 7.63
C THR B 200 31.62 6.70 6.95
N GLY B 201 30.35 6.89 7.31
CA GLY B 201 29.29 6.11 6.73
C GLY B 201 27.96 6.82 6.84
N ASP B 202 26.97 6.25 6.16
CA ASP B 202 25.65 6.87 6.11
C ASP B 202 25.00 6.85 7.50
N VAL B 203 24.38 7.97 7.87
CA VAL B 203 23.54 8.02 9.06
C VAL B 203 22.15 7.55 8.70
N MET B 204 21.61 6.59 9.46
CA MET B 204 20.38 5.92 9.07
C MET B 204 19.17 6.28 9.91
N SER B 205 19.34 6.77 11.12
CA SER B 205 18.20 7.02 12.00
C SER B 205 18.47 8.27 12.84
N LEU B 206 17.40 8.79 13.42
CA LEU B 206 17.45 10.06 14.12
C LEU B 206 16.34 10.09 15.16
N SER B 207 16.65 10.64 16.34
CA SER B 207 15.69 10.72 17.44
C SER B 207 15.97 11.95 18.29
N LEU B 208 14.91 12.67 18.64
CA LEU B 208 15.00 13.85 19.47
C LEU B 208 14.65 13.52 20.92
N ALA B 209 15.30 14.22 21.85
CA ALA B 209 15.05 14.03 23.25
C ALA B 209 13.70 14.62 23.65
N PRO B 210 13.10 14.14 24.74
CA PRO B 210 11.81 14.71 25.19
C PRO B 210 11.84 16.20 25.42
N ASP B 211 12.96 16.75 25.91
CA ASP B 211 13.07 18.19 26.15
C ASP B 211 13.46 18.96 24.90
N THR B 212 13.68 18.27 23.77
CA THR B 212 14.03 18.90 22.49
C THR B 212 15.26 19.79 22.62
N ARG B 213 16.22 19.35 23.43
CA ARG B 213 17.49 20.04 23.59
C ARG B 213 18.69 19.19 23.21
N LEU B 214 18.56 17.87 23.27
CA LEU B 214 19.60 16.95 22.83
C LEU B 214 19.14 16.25 21.55
N PHE B 215 19.99 15.36 21.05
CA PHE B 215 19.82 14.82 19.70
C PHE B 215 20.79 13.66 19.48
N VAL B 216 20.33 12.57 18.88
CA VAL B 216 21.15 11.38 18.70
C VAL B 216 21.01 10.88 17.27
N SER B 217 22.05 10.19 16.80
CA SER B 217 22.01 9.64 15.44
C SER B 217 22.93 8.43 15.35
N GLY B 218 22.45 7.37 14.70
CA GLY B 218 23.24 6.16 14.48
C GLY B 218 23.60 6.03 13.00
N ALA B 219 24.83 5.61 12.74
CA ALA B 219 25.35 5.57 11.38
C ALA B 219 25.67 4.13 10.96
N CYS B 220 26.10 3.98 9.71
CA CYS B 220 26.43 2.67 9.15
C CYS B 220 27.81 2.18 9.55
N ASP B 221 28.61 3.00 10.23
CA ASP B 221 29.92 2.57 10.71
C ASP B 221 29.85 1.89 12.07
N ALA B 222 28.68 1.34 12.42
CA ALA B 222 28.47 0.67 13.70
C ALA B 222 28.77 1.59 14.88
N SER B 223 28.23 2.81 14.80
CA SER B 223 28.45 3.79 15.85
C SER B 223 27.21 4.67 16.01
N ALA B 224 27.08 5.25 17.20
CA ALA B 224 26.03 6.21 17.49
C ALA B 224 26.66 7.43 18.13
N LYS B 225 26.01 8.58 17.95
CA LYS B 225 26.57 9.84 18.43
C LYS B 225 25.48 10.71 19.01
N LEU B 226 25.79 11.32 20.15
CA LEU B 226 24.93 12.28 20.83
C LEU B 226 25.50 13.67 20.61
N TRP B 227 24.69 14.58 20.07
CA TRP B 227 25.10 15.91 19.69
C TRP B 227 24.42 16.95 20.58
N ASP B 228 24.72 18.22 20.32
CA ASP B 228 24.10 19.35 20.98
C ASP B 228 23.59 20.32 19.92
N VAL B 229 22.28 20.51 19.88
CA VAL B 229 21.66 21.30 18.81
C VAL B 229 22.03 22.77 18.94
N ARG B 230 22.06 23.28 20.18
CA ARG B 230 22.40 24.69 20.38
C ARG B 230 23.86 24.96 19.99
N GLU B 231 24.76 24.04 20.34
CA GLU B 231 26.18 24.27 20.09
C GLU B 231 26.54 24.04 18.62
N GLY B 232 26.24 22.85 18.11
CA GLY B 232 26.62 22.52 16.75
C GLY B 232 27.77 21.53 16.71
N MET B 233 28.07 20.96 17.86
CA MET B 233 29.24 20.13 18.06
C MET B 233 28.84 18.82 18.73
N CYS B 234 29.56 17.76 18.36
CA CYS B 234 29.29 16.44 18.92
C CYS B 234 29.65 16.40 20.40
N ARG B 235 28.83 15.69 21.17
CA ARG B 235 29.02 15.54 22.61
C ARG B 235 29.60 14.19 23.00
N GLN B 236 29.02 13.10 22.51
CA GLN B 236 29.43 11.76 22.92
C GLN B 236 29.32 10.78 21.76
N THR B 237 30.06 9.68 21.86
CA THR B 237 30.01 8.61 20.88
C THR B 237 29.93 7.26 21.59
N PHE B 238 29.24 6.32 20.96
CA PHE B 238 29.07 4.97 21.48
C PHE B 238 29.34 3.97 20.38
N THR B 239 30.12 2.94 20.69
CA THR B 239 30.40 1.84 19.79
C THR B 239 30.10 0.53 20.50
N GLY B 240 29.46 -0.40 19.79
CA GLY B 240 29.10 -1.68 20.36
C GLY B 240 30.05 -2.78 19.97
N GLU B 242 29.40 -6.78 14.98
CA GLU B 242 28.75 -5.50 14.77
C GLU B 242 28.54 -5.21 13.29
N SER B 243 27.53 -4.40 13.00
CA SER B 243 27.19 -4.04 11.62
C SER B 243 26.53 -2.67 11.65
N ASP B 244 25.94 -2.28 10.52
CA ASP B 244 25.32 -0.96 10.41
C ASP B 244 24.09 -0.86 11.29
N ILE B 245 23.88 0.33 11.84
CA ILE B 245 22.71 0.63 12.68
C ILE B 245 21.68 1.35 11.83
N ASN B 246 20.45 0.86 11.84
CA ASN B 246 19.38 1.46 11.05
C ASN B 246 18.12 1.70 11.87
N ALA B 247 18.23 1.82 13.18
CA ALA B 247 17.09 2.10 14.04
C ALA B 247 17.58 2.64 15.37
N ILE B 248 16.93 3.70 15.86
CA ILE B 248 17.30 4.31 17.13
C ILE B 248 16.08 5.05 17.67
N CYS B 249 15.96 5.10 18.98
CA CYS B 249 14.86 5.83 19.59
C CYS B 249 15.20 6.16 21.04
N PHE B 250 14.83 7.37 21.46
CA PHE B 250 15.04 7.81 22.83
C PHE B 250 14.09 7.11 23.80
N PHE B 251 14.59 6.91 25.02
CA PHE B 251 13.74 6.47 26.11
C PHE B 251 12.81 7.61 26.52
N PRO B 252 11.64 7.30 27.07
CA PRO B 252 10.75 8.37 27.55
C PRO B 252 11.41 9.29 28.56
N ASN B 253 12.32 8.77 29.39
CA ASN B 253 13.02 9.61 30.35
C ASN B 253 13.87 10.67 29.65
N GLY B 254 14.56 10.30 28.58
CA GLY B 254 15.46 11.18 27.89
C GLY B 254 16.91 11.05 28.27
N ASN B 255 17.27 10.04 29.07
CA ASN B 255 18.64 9.80 29.48
C ASN B 255 19.18 8.46 28.99
N ALA B 256 18.51 7.84 28.02
CA ALA B 256 18.96 6.59 27.44
C ALA B 256 18.29 6.42 26.09
N PHE B 257 18.81 5.50 25.28
CA PHE B 257 18.17 5.22 24.00
C PHE B 257 18.41 3.77 23.63
N ALA B 258 17.71 3.33 22.59
CA ALA B 258 17.80 1.96 22.10
C ALA B 258 18.11 1.97 20.61
N THR B 259 18.99 1.07 20.20
CA THR B 259 19.45 0.95 18.82
C THR B 259 19.21 -0.46 18.30
N GLY B 260 18.99 -0.57 17.00
CA GLY B 260 18.81 -1.86 16.38
C GLY B 260 19.70 -2.04 15.17
N SER B 261 20.60 -3.02 15.22
CA SER B 261 21.58 -3.23 14.17
C SER B 261 21.08 -4.29 13.18
N ASP B 262 21.90 -4.60 12.19
CA ASP B 262 21.59 -5.60 11.18
C ASP B 262 22.09 -6.98 11.53
N ASP B 263 22.77 -7.15 12.67
CA ASP B 263 23.24 -8.45 13.11
C ASP B 263 22.24 -9.16 14.01
N ALA B 264 20.94 -8.88 13.84
CA ALA B 264 19.87 -9.50 14.60
C ALA B 264 20.01 -9.23 16.10
N THR B 265 20.52 -8.05 16.45
CA THR B 265 20.74 -7.69 17.85
C THR B 265 20.24 -6.28 18.09
N CYS B 266 19.54 -6.08 19.21
CA CYS B 266 19.11 -4.78 19.67
C CYS B 266 19.83 -4.46 20.97
N ARG B 267 20.20 -3.19 21.16
CA ARG B 267 21.03 -2.80 22.29
C ARG B 267 20.48 -1.54 22.92
N LEU B 268 20.84 -1.33 24.19
CA LEU B 268 20.40 -0.18 24.96
C LEU B 268 21.61 0.56 25.47
N PHE B 269 21.67 1.87 25.24
CA PHE B 269 22.78 2.70 25.66
C PHE B 269 22.28 3.79 26.61
N ASP B 270 23.16 4.21 27.52
CA ASP B 270 22.83 5.22 28.53
C ASP B 270 23.73 6.43 28.35
N LEU B 271 23.12 7.62 28.30
CA LEU B 271 23.89 8.85 28.11
C LEU B 271 24.85 9.10 29.27
N ARG B 272 24.37 8.89 30.51
CA ARG B 272 25.20 9.17 31.67
C ARG B 272 26.18 8.05 32.00
N ALA B 273 26.12 6.92 31.28
CA ALA B 273 27.01 5.81 31.52
C ALA B 273 28.04 5.59 30.42
N ASP B 274 27.72 5.96 29.18
CA ASP B 274 28.63 5.76 28.05
C ASP B 274 29.00 4.30 27.85
N GLN B 275 28.04 3.41 28.10
CA GLN B 275 28.26 1.98 27.96
C GLN B 275 27.04 1.34 27.30
N GLU B 276 27.07 0.01 27.22
CA GLU B 276 25.99 -0.78 26.65
C GLU B 276 25.42 -1.69 27.73
N LEU B 277 24.10 -1.72 27.86
CA LEU B 277 23.47 -2.42 28.97
C LEU B 277 23.16 -3.88 28.65
N MET B 278 22.41 -4.14 27.58
CA MET B 278 22.11 -5.50 27.20
C MET B 278 21.94 -5.62 25.70
N THR B 279 21.92 -6.87 25.23
CA THR B 279 21.65 -7.22 23.85
C THR B 279 20.33 -7.96 23.79
N TYR B 280 19.41 -7.49 22.94
CA TYR B 280 18.09 -8.08 22.79
C TYR B 280 18.15 -9.02 21.59
N SER B 281 18.67 -10.23 21.83
CA SER B 281 18.87 -11.20 20.77
C SER B 281 18.43 -12.58 21.24
N HIS B 282 18.11 -13.44 20.27
CA HIS B 282 17.77 -14.82 20.54
C HIS B 282 18.45 -15.70 19.50
N ASP B 283 18.74 -16.94 19.89
CA ASP B 283 19.49 -17.84 19.01
C ASP B 283 18.67 -18.27 17.79
N ASN B 284 17.35 -18.17 17.85
CA ASN B 284 16.50 -18.66 16.77
C ASN B 284 16.25 -17.62 15.68
N ILE B 285 16.69 -16.37 15.87
CA ILE B 285 16.46 -15.30 14.91
C ILE B 285 17.81 -14.79 14.41
N ILE B 286 17.99 -14.79 13.10
CA ILE B 286 19.22 -14.29 12.48
C ILE B 286 18.79 -13.21 11.49
N CYS B 287 17.74 -12.48 11.85
CA CYS B 287 17.16 -11.45 11.00
C CYS B 287 17.41 -10.08 11.61
N GLY B 288 17.77 -9.12 10.77
CA GLY B 288 18.06 -7.79 11.25
C GLY B 288 16.82 -7.05 11.74
N ILE B 289 17.05 -5.93 12.39
CA ILE B 289 15.99 -5.11 12.96
C ILE B 289 15.76 -3.91 12.04
N THR B 290 14.50 -3.70 11.66
CA THR B 290 14.17 -2.61 10.75
C THR B 290 13.73 -1.35 11.48
N SER B 291 12.93 -1.48 12.54
CA SER B 291 12.48 -0.31 13.29
C SER B 291 12.43 -0.63 14.78
N VAL B 292 12.53 0.41 15.59
CA VAL B 292 12.55 0.28 17.05
C VAL B 292 11.73 1.42 17.65
N SER B 293 10.95 1.11 18.70
CA SER B 293 10.23 2.13 19.44
C SER B 293 9.97 1.64 20.85
N PHE B 294 9.66 2.57 21.74
CA PHE B 294 9.30 2.26 23.12
C PHE B 294 7.80 2.45 23.33
N SER B 295 7.38 2.22 24.58
CA SER B 295 6.02 2.50 25.05
C SER B 295 6.11 3.49 26.20
N LYS B 296 4.98 4.06 26.57
CA LYS B 296 4.95 4.99 27.70
C LYS B 296 5.35 4.25 28.97
N SER B 297 6.08 4.95 29.84
CA SER B 297 6.73 4.45 31.05
C SER B 297 7.96 3.60 30.74
N GLY B 298 8.27 3.37 29.47
CA GLY B 298 9.52 2.69 29.11
C GLY B 298 9.64 1.28 29.63
N ARG B 299 8.59 0.47 29.48
CA ARG B 299 8.63 -0.93 29.91
C ARG B 299 8.65 -1.91 28.75
N LEU B 300 7.98 -1.59 27.65
CA LEU B 300 7.89 -2.47 26.49
C LEU B 300 8.64 -1.85 25.32
N LEU B 301 9.58 -2.61 24.76
CA LEU B 301 10.37 -2.19 23.60
C LEU B 301 9.87 -2.98 22.41
N LEU B 302 9.25 -2.29 21.46
CA LEU B 302 8.67 -2.94 20.29
C LEU B 302 9.65 -2.79 19.12
N ALA B 303 10.10 -3.92 18.58
CA ALA B 303 11.08 -3.96 17.50
C ALA B 303 10.44 -4.60 16.28
N GLY B 304 10.32 -3.84 15.20
CA GLY B 304 9.83 -4.36 13.95
C GLY B 304 10.95 -4.94 13.12
N TYR B 305 10.99 -6.27 13.03
CA TYR B 305 12.03 -7.01 12.34
C TYR B 305 11.71 -7.12 10.85
N ASP B 306 12.62 -7.76 10.11
CA ASP B 306 12.40 -8.07 8.72
C ASP B 306 11.94 -9.51 8.50
N ASP B 307 11.73 -10.26 9.57
CA ASP B 307 11.24 -11.64 9.47
C ASP B 307 9.72 -11.70 9.55
N PHE B 308 9.07 -10.87 8.75
CA PHE B 308 7.62 -10.85 8.54
C PHE B 308 6.82 -10.58 9.81
N ASN B 309 7.47 -10.20 10.91
CA ASN B 309 6.72 -9.95 12.15
C ASN B 309 7.53 -9.04 13.06
N CYS B 310 6.82 -8.44 14.02
CA CYS B 310 7.43 -7.62 15.06
C CYS B 310 7.55 -8.41 16.35
N ASN B 311 8.33 -7.88 17.27
CA ASN B 311 8.54 -8.51 18.57
C ASN B 311 8.38 -7.46 19.67
N VAL B 312 7.96 -7.92 20.83
CA VAL B 312 7.69 -7.05 21.98
C VAL B 312 8.58 -7.53 23.12
N TRP B 313 9.75 -6.91 23.25
CA TRP B 313 10.67 -7.24 24.32
C TRP B 313 10.33 -6.47 25.59
N ASP B 314 10.72 -7.03 26.72
CA ASP B 314 10.65 -6.33 27.99
C ASP B 314 11.95 -5.56 28.19
N ALA B 315 11.87 -4.23 28.12
CA ALA B 315 13.08 -3.41 28.08
C ALA B 315 13.97 -3.60 29.30
N LEU B 316 13.40 -3.98 30.44
CA LEU B 316 14.17 -4.23 31.65
C LEU B 316 14.63 -5.67 31.78
N LYS B 317 14.19 -6.55 30.89
CA LYS B 317 14.47 -7.98 30.99
C LYS B 317 15.11 -8.47 29.71
N ALA B 318 15.80 -9.60 29.80
CA ALA B 318 16.49 -10.18 28.66
C ALA B 318 15.64 -11.18 27.89
N ASP B 319 14.38 -11.37 28.27
CA ASP B 319 13.53 -12.38 27.66
C ASP B 319 12.39 -11.72 26.89
N ARG B 320 12.00 -12.36 25.78
CA ARG B 320 10.91 -11.86 24.96
C ARG B 320 9.57 -12.05 25.67
N ALA B 321 8.64 -11.14 25.40
CA ALA B 321 7.31 -11.18 26.01
C ALA B 321 6.22 -11.55 25.02
N GLY B 322 6.11 -10.83 23.90
CA GLY B 322 5.03 -11.07 22.95
C GLY B 322 5.51 -10.91 21.52
N VAL B 323 4.69 -11.42 20.61
CA VAL B 323 4.96 -11.39 19.18
C VAL B 323 3.73 -10.81 18.48
N LEU B 324 3.96 -9.91 17.53
CA LEU B 324 2.88 -9.27 16.77
C LEU B 324 2.93 -9.81 15.34
N ALA B 325 2.26 -10.94 15.12
CA ALA B 325 2.22 -11.59 13.82
C ALA B 325 0.94 -11.22 13.09
N GLY B 326 1.02 -11.25 11.76
CA GLY B 326 -0.11 -10.90 10.93
C GLY B 326 0.26 -10.18 9.65
N HIS B 327 1.53 -9.80 9.53
CA HIS B 327 2.02 -9.15 8.32
C HIS B 327 2.59 -10.18 7.36
N ASP B 328 2.38 -9.96 6.07
CA ASP B 328 2.78 -10.90 5.04
C ASP B 328 4.07 -10.49 4.33
N ASN B 329 4.79 -9.52 4.87
CA ASN B 329 6.05 -9.07 4.26
C ASN B 329 6.91 -8.42 5.34
N ARG B 330 7.99 -7.77 4.92
CA ARG B 330 8.91 -7.15 5.84
C ARG B 330 8.27 -5.94 6.51
N VAL B 331 8.38 -5.88 7.84
CA VAL B 331 7.88 -4.74 8.60
C VAL B 331 8.90 -3.62 8.51
N SER B 332 8.47 -2.43 8.08
CA SER B 332 9.37 -1.31 7.86
C SER B 332 9.30 -0.29 8.99
N CYS B 333 8.09 0.13 9.36
CA CYS B 333 7.86 1.23 10.28
C CYS B 333 7.09 0.77 11.49
N LEU B 334 7.09 1.61 12.52
CA LEU B 334 6.43 1.30 13.78
C LEU B 334 6.27 2.57 14.62
N GLY B 335 5.16 2.70 15.33
CA GLY B 335 4.91 3.88 16.14
C GLY B 335 4.00 3.58 17.31
N VAL B 336 4.17 4.35 18.37
CA VAL B 336 3.38 4.23 19.59
C VAL B 336 2.87 5.61 19.97
N THR B 337 1.59 5.70 20.35
CA THR B 337 0.98 6.98 20.63
C THR B 337 1.61 7.63 21.87
N ASP B 338 1.30 8.92 22.04
CA ASP B 338 1.81 9.65 23.19
C ASP B 338 1.18 9.16 24.49
N ASP B 339 -0.10 8.79 24.46
CA ASP B 339 -0.79 8.25 25.62
C ASP B 339 -0.67 6.74 25.72
N GLY B 340 0.02 6.10 24.78
CA GLY B 340 0.21 4.66 24.84
C GLY B 340 -1.06 3.85 24.71
N MET B 341 -2.01 4.32 23.91
CA MET B 341 -3.29 3.64 23.75
C MET B 341 -3.31 2.66 22.59
N ALA B 342 -2.53 2.91 21.55
CA ALA B 342 -2.50 2.02 20.39
C ALA B 342 -1.09 1.99 19.82
N VAL B 343 -0.82 0.94 19.05
CA VAL B 343 0.49 0.75 18.41
C VAL B 343 0.24 0.51 16.92
N ALA B 344 0.83 1.34 16.08
CA ALA B 344 0.59 1.25 14.64
C ALA B 344 1.84 0.73 13.94
N THR B 345 1.68 -0.32 13.14
CA THR B 345 2.78 -0.94 12.42
C THR B 345 2.45 -1.03 10.94
N GLY B 346 3.46 -0.81 10.11
CA GLY B 346 3.32 -0.98 8.68
C GLY B 346 4.38 -1.89 8.13
N SER B 347 4.15 -2.47 6.97
CA SER B 347 5.09 -3.42 6.40
C SER B 347 5.17 -3.21 4.90
N TRP B 348 5.96 -4.06 4.24
CA TRP B 348 6.17 -3.92 2.80
C TRP B 348 4.92 -4.28 2.00
N ASP B 349 3.94 -4.93 2.61
CA ASP B 349 2.61 -4.99 2.03
C ASP B 349 1.87 -3.72 2.39
N SER B 350 0.99 -3.29 1.50
CA SER B 350 0.43 -1.94 1.62
C SER B 350 -0.50 -1.77 2.81
N PHE B 351 -0.71 -2.72 3.71
CA PHE B 351 -1.68 -2.58 4.79
C PHE B 351 -0.99 -2.08 6.05
N LEU B 352 -1.53 -1.01 6.63
CA LEU B 352 -1.05 -0.46 7.89
C LEU B 352 -2.03 -0.84 8.99
N LYS B 353 -1.54 -1.54 10.01
CA LYS B 353 -2.38 -2.12 11.04
C LYS B 353 -2.24 -1.38 12.36
N ILE B 354 -3.36 -1.09 12.99
CA ILE B 354 -3.39 -0.43 14.30
C ILE B 354 -3.84 -1.45 15.32
N TRP B 355 -2.96 -1.77 16.27
CA TRP B 355 -3.15 -2.78 17.28
C TRP B 355 -3.43 -2.13 18.62
N ASN B 356 -4.14 -2.85 19.48
CA ASN B 356 -4.40 -2.40 20.84
C ASN B 356 -4.61 -3.58 21.78
N ALA C 7 48.63 18.16 4.06
CA ALA C 7 47.62 17.29 3.46
C ALA C 7 46.88 16.49 4.52
N SER C 8 47.41 15.31 4.83
CA SER C 8 46.80 14.46 5.83
C SER C 8 47.02 14.96 7.26
N ILE C 9 47.97 15.89 7.45
CA ILE C 9 48.25 16.38 8.79
C ILE C 9 47.05 17.13 9.35
N ALA C 10 46.43 17.99 8.54
CA ALA C 10 45.26 18.74 9.00
C ALA C 10 44.10 17.81 9.30
N GLN C 11 43.89 16.79 8.46
CA GLN C 11 42.82 15.83 8.70
C GLN C 11 43.07 15.06 10.00
N ALA C 12 44.31 14.65 10.23
CA ALA C 12 44.65 13.95 11.47
C ALA C 12 44.41 14.84 12.67
N ARG C 13 44.78 16.12 12.57
CA ARG C 13 44.45 17.06 13.63
C ARG C 13 42.95 17.11 13.87
N LYS C 14 42.19 17.35 12.81
CA LYS C 14 40.74 17.51 12.93
C LYS C 14 40.12 16.31 13.63
N LEU C 15 40.66 15.11 13.36
CA LEU C 15 40.27 13.95 14.16
C LEU C 15 40.71 14.10 15.62
N VAL C 16 41.93 14.59 15.87
CA VAL C 16 42.46 14.42 17.22
C VAL C 16 41.84 15.41 18.20
N GLU C 17 41.34 16.57 17.74
CA GLU C 17 40.67 17.42 18.74
C GLU C 17 39.38 16.78 19.27
N GLN C 18 38.83 15.79 18.58
CA GLN C 18 37.56 15.22 19.01
C GLN C 18 37.73 14.34 20.25
N LEU C 19 38.75 13.47 20.24
CA LEU C 19 38.90 12.51 21.32
C LEU C 19 39.38 13.15 22.61
N LYS C 20 40.25 14.17 22.50
CA LYS C 20 40.77 14.82 23.71
C LYS C 20 39.65 15.48 24.49
N MET C 21 38.72 16.13 23.79
CA MET C 21 37.59 16.78 24.43
C MET C 21 36.70 15.78 25.16
N GLU C 22 36.44 14.62 24.55
CA GLU C 22 35.49 13.67 25.12
C GLU C 22 36.02 13.00 26.39
N ALA C 23 37.33 13.03 26.62
CA ALA C 23 37.91 12.36 27.77
C ALA C 23 37.65 13.09 29.08
N ASN C 24 37.20 14.34 29.04
CA ASN C 24 37.03 15.14 30.25
C ASN C 24 35.60 15.14 30.78
N ILE C 25 34.67 14.45 30.13
CA ILE C 25 33.29 14.43 30.58
C ILE C 25 33.16 13.51 31.79
N ASP C 26 32.34 13.90 32.75
CA ASP C 26 32.17 13.13 33.97
C ASP C 26 31.32 11.89 33.71
N ARG C 27 31.64 10.82 34.44
CA ARG C 27 30.88 9.58 34.39
C ARG C 27 30.51 9.16 35.81
N ILE C 28 29.37 8.48 35.92
CA ILE C 28 28.92 7.93 37.19
C ILE C 28 28.76 6.42 37.03
N LYS C 29 28.63 5.74 38.16
CA LYS C 29 28.45 4.29 38.13
C LYS C 29 27.16 3.94 37.39
N VAL C 30 27.22 2.89 36.58
CA VAL C 30 26.06 2.46 35.81
C VAL C 30 24.94 1.94 36.72
N SER C 31 25.28 1.54 37.94
CA SER C 31 24.25 1.08 38.87
C SER C 31 23.26 2.19 39.21
N LYS C 32 23.75 3.41 39.41
CA LYS C 32 22.87 4.53 39.71
C LYS C 32 21.92 4.81 38.53
N ALA C 33 22.45 4.80 37.31
CA ALA C 33 21.60 5.03 36.14
C ALA C 33 20.57 3.92 35.97
N ALA C 34 20.98 2.67 36.21
CA ALA C 34 20.04 1.56 36.12
C ALA C 34 18.93 1.69 37.16
N ALA C 35 19.29 2.06 38.39
CA ALA C 35 18.29 2.25 39.43
C ALA C 35 17.34 3.39 39.07
N ASP C 36 17.89 4.47 38.52
CA ASP C 36 17.04 5.59 38.10
C ASP C 36 16.06 5.16 37.02
N LEU C 37 16.53 4.40 36.03
CA LEU C 37 15.64 3.94 34.96
C LEU C 37 14.56 3.01 35.50
N MET C 38 14.94 2.10 36.39
CA MET C 38 13.95 1.19 36.97
C MET C 38 12.91 1.96 37.80
N ALA C 39 13.36 2.94 38.57
CA ALA C 39 12.44 3.75 39.36
C ALA C 39 11.48 4.54 38.46
N TYR C 40 12.01 5.11 37.38
CA TYR C 40 11.15 5.81 36.44
C TYR C 40 10.12 4.87 35.82
N CYS C 41 10.55 3.68 35.44
CA CYS C 41 9.64 2.73 34.80
C CYS C 41 8.53 2.30 35.76
N GLU C 42 8.89 2.02 37.01
CA GLU C 42 7.87 1.58 37.97
C GLU C 42 6.98 2.72 38.43
N ALA C 43 7.47 3.95 38.43
CA ALA C 43 6.67 5.08 38.88
C ALA C 43 5.46 5.31 37.99
N HIS C 44 5.65 5.21 36.67
CA HIS C 44 4.59 5.46 35.70
C HIS C 44 3.90 4.19 35.24
N ALA C 45 3.87 3.17 36.09
CA ALA C 45 3.25 1.89 35.74
C ALA C 45 1.75 1.87 36.00
N LYS C 46 1.19 2.94 36.56
CA LYS C 46 -0.24 3.01 36.86
C LYS C 46 -1.09 3.23 35.62
N GLU C 47 -0.59 3.97 34.63
CA GLU C 47 -1.35 4.27 33.42
C GLU C 47 -0.53 3.82 32.19
N ASP C 48 -0.66 2.54 31.87
CA ASP C 48 0.01 1.93 30.73
C ASP C 48 -0.95 0.98 30.05
N PRO C 49 -1.73 1.45 29.08
CA PRO C 49 -2.73 0.59 28.44
C PRO C 49 -2.14 -0.64 27.80
N LEU C 50 -0.93 -0.56 27.26
CA LEU C 50 -0.31 -1.73 26.64
C LEU C 50 0.20 -2.71 27.68
N LEU C 51 0.50 -2.24 28.89
CA LEU C 51 0.97 -3.13 29.95
C LEU C 51 -0.19 -3.83 30.65
N THR C 52 -1.10 -3.05 31.23
CA THR C 52 -2.23 -3.59 31.97
C THR C 52 -3.52 -3.34 31.20
N PRO C 53 -4.09 -4.34 30.55
CA PRO C 53 -5.31 -4.14 29.76
C PRO C 53 -6.50 -3.86 30.66
N VAL C 54 -7.02 -2.63 30.59
CA VAL C 54 -8.22 -2.26 31.33
C VAL C 54 -9.18 -1.54 30.39
N PRO C 55 -10.47 -1.91 30.38
CA PRO C 55 -11.44 -1.22 29.54
C PRO C 55 -11.83 0.14 30.10
N PRO C 60 -11.90 3.93 23.36
CA PRO C 60 -11.37 4.52 22.13
C PRO C 60 -11.35 3.56 20.96
N PHE C 61 -10.59 2.46 21.10
CA PHE C 61 -10.47 1.46 20.05
C PHE C 61 -11.32 0.22 20.29
N ARG C 62 -12.26 0.29 21.24
CA ARG C 62 -13.14 -0.84 21.49
C ARG C 62 -14.03 -1.12 20.28
N GLU C 63 -14.25 -2.40 20.02
CA GLU C 63 -15.08 -2.83 18.90
C GLU C 63 -15.65 -4.22 19.13
N MET D 11 -34.08 -54.11 -17.88
CA MET D 11 -32.97 -54.18 -16.93
C MET D 11 -31.64 -54.17 -17.66
N VAL D 12 -31.00 -53.00 -17.70
CA VAL D 12 -29.70 -52.87 -18.35
C VAL D 12 -28.58 -53.45 -17.50
N LEU D 13 -28.86 -53.83 -16.25
CA LEU D 13 -27.85 -54.37 -15.36
C LEU D 13 -27.48 -55.79 -15.80
N ASN D 14 -26.38 -55.93 -16.54
CA ASN D 14 -25.88 -57.25 -16.87
C ASN D 14 -24.37 -57.40 -16.77
N PRO D 15 -23.70 -56.95 -15.67
CA PRO D 15 -22.30 -57.33 -15.49
C PRO D 15 -22.16 -58.76 -15.00
N SER D 16 -22.49 -59.73 -15.85
CA SER D 16 -22.47 -61.14 -15.46
C SER D 16 -21.12 -61.80 -15.70
N GLN D 17 -20.45 -61.46 -16.80
CA GLN D 17 -19.15 -62.02 -17.13
C GLN D 17 -18.00 -61.10 -16.76
N GLN D 18 -18.28 -59.98 -16.09
CA GLN D 18 -17.25 -59.03 -15.68
C GLN D 18 -17.68 -58.43 -14.34
N LEU D 19 -17.04 -58.90 -13.27
CA LEU D 19 -17.34 -58.40 -11.93
C LEU D 19 -16.16 -57.73 -11.26
N ALA D 20 -15.01 -57.66 -11.92
CA ALA D 20 -13.81 -57.04 -11.34
C ALA D 20 -13.79 -55.54 -11.59
N ILE D 21 -14.75 -54.86 -10.97
CA ILE D 21 -14.91 -53.41 -11.09
C ILE D 21 -14.86 -52.73 -9.73
N ALA D 22 -15.57 -53.29 -8.74
CA ALA D 22 -15.77 -52.60 -7.47
C ALA D 22 -14.46 -52.31 -6.76
N VAL D 23 -13.58 -53.30 -6.66
CA VAL D 23 -12.33 -53.11 -5.91
C VAL D 23 -11.41 -52.12 -6.62
N LEU D 24 -11.27 -52.27 -7.94
CA LEU D 24 -10.41 -51.36 -8.70
C LEU D 24 -10.96 -49.94 -8.67
N SER D 25 -12.28 -49.79 -8.84
CA SER D 25 -12.88 -48.46 -8.79
C SER D 25 -12.71 -47.84 -7.41
N LEU D 26 -12.88 -48.62 -6.34
CA LEU D 26 -12.68 -48.10 -5.00
C LEU D 26 -11.25 -47.66 -4.78
N THR D 27 -10.28 -48.46 -5.23
CA THR D 27 -8.88 -48.09 -5.08
C THR D 27 -8.56 -46.81 -5.85
N LEU D 28 -9.04 -46.72 -7.09
CA LEU D 28 -8.78 -45.53 -7.90
C LEU D 28 -9.43 -44.30 -7.29
N GLY D 29 -10.66 -44.43 -6.78
CA GLY D 29 -11.31 -43.31 -6.14
C GLY D 29 -10.61 -42.86 -4.88
N THR D 30 -10.14 -43.82 -4.07
CA THR D 30 -9.39 -43.45 -2.87
C THR D 30 -8.10 -42.72 -3.23
N PHE D 31 -7.39 -43.21 -4.26
CA PHE D 31 -6.17 -42.54 -4.67
C PHE D 31 -6.46 -41.13 -5.17
N THR D 32 -7.53 -40.98 -5.97
CA THR D 32 -7.91 -39.66 -6.46
C THR D 32 -8.24 -38.72 -5.30
N VAL D 33 -9.04 -39.19 -4.34
CA VAL D 33 -9.43 -38.33 -3.23
C VAL D 33 -8.21 -37.91 -2.41
N LEU D 34 -7.31 -38.86 -2.12
CA LEU D 34 -6.16 -38.52 -1.30
C LEU D 34 -5.24 -37.54 -2.02
N GLU D 35 -4.98 -37.74 -3.32
CA GLU D 35 -4.08 -36.83 -4.01
C GLU D 35 -4.72 -35.45 -4.19
N ASN D 36 -6.03 -35.40 -4.45
CA ASN D 36 -6.70 -34.11 -4.56
C ASN D 36 -6.69 -33.38 -3.23
N LEU D 37 -6.88 -34.10 -2.12
CA LEU D 37 -6.82 -33.47 -0.81
C LEU D 37 -5.41 -32.95 -0.51
N LEU D 38 -4.39 -33.70 -0.91
CA LEU D 38 -3.02 -33.23 -0.72
C LEU D 38 -2.76 -31.96 -1.54
N VAL D 39 -3.23 -31.94 -2.80
CA VAL D 39 -3.05 -30.75 -3.62
C VAL D 39 -3.78 -29.56 -3.01
N LEU D 40 -5.01 -29.78 -2.53
CA LEU D 40 -5.77 -28.71 -1.90
C LEU D 40 -5.06 -28.20 -0.66
N CYS D 41 -4.50 -29.11 0.13
CA CYS D 41 -3.76 -28.70 1.34
C CYS D 41 -2.54 -27.86 0.98
N VAL D 42 -1.82 -28.22 -0.10
CA VAL D 42 -0.65 -27.45 -0.48
C VAL D 42 -0.99 -26.19 -1.27
N ILE D 43 -2.24 -26.02 -1.68
CA ILE D 43 -2.63 -24.81 -2.41
C ILE D 43 -3.57 -23.92 -1.59
N LEU D 44 -4.32 -24.46 -0.63
CA LEU D 44 -5.28 -23.68 0.15
C LEU D 44 -4.68 -23.12 1.43
N HIS D 45 -3.37 -22.87 1.45
CA HIS D 45 -2.78 -22.22 2.62
C HIS D 45 -3.29 -20.79 2.80
N SER D 46 -3.82 -20.18 1.73
CA SER D 46 -4.40 -18.84 1.76
C SER D 46 -3.41 -17.79 2.22
N ARG D 47 -2.11 -18.03 2.01
CA ARG D 47 -1.06 -17.09 2.40
C ARG D 47 -0.58 -16.26 1.21
N SER D 48 -0.20 -17.10 0.21
CA SER D 48 0.30 -16.37 -0.96
C SER D 48 -0.23 -16.88 -2.29
N LEU D 49 -0.75 -18.11 -2.37
CA LEU D 49 -1.17 -18.68 -3.64
C LEU D 49 -2.50 -18.13 -4.14
N ARG D 50 -3.26 -17.44 -3.29
CA ARG D 50 -4.56 -16.93 -3.70
C ARG D 50 -4.46 -15.78 -4.69
N CYS D 51 -3.27 -15.18 -4.83
CA CYS D 51 -3.13 -14.01 -5.69
C CYS D 51 -3.42 -14.33 -7.15
N ARG D 52 -2.93 -15.45 -7.64
CA ARG D 52 -3.04 -15.77 -9.06
C ARG D 52 -4.43 -16.32 -9.35
N PRO D 53 -5.20 -15.71 -10.26
CA PRO D 53 -6.53 -16.26 -10.58
C PRO D 53 -6.50 -17.69 -11.10
N SER D 54 -5.47 -18.04 -11.87
CA SER D 54 -5.41 -19.37 -12.46
C SER D 54 -5.28 -20.45 -11.38
N TYR D 55 -4.62 -20.13 -10.26
CA TYR D 55 -4.47 -21.13 -9.20
C TYR D 55 -5.74 -21.35 -8.40
N HIS D 56 -6.71 -20.45 -8.48
CA HIS D 56 -8.04 -20.78 -7.98
C HIS D 56 -8.96 -21.30 -9.07
N PHE D 57 -8.60 -21.12 -10.35
CA PHE D 57 -9.26 -21.87 -11.41
C PHE D 57 -8.96 -23.36 -11.29
N ILE D 58 -7.71 -23.70 -10.93
CA ILE D 58 -7.34 -25.10 -10.79
C ILE D 58 -8.08 -25.74 -9.62
N GLY D 59 -8.28 -24.98 -8.54
CA GLY D 59 -8.97 -25.54 -7.38
C GLY D 59 -10.39 -25.98 -7.69
N SER D 60 -11.06 -25.26 -8.59
CA SER D 60 -12.39 -25.67 -9.03
C SER D 60 -12.34 -27.04 -9.69
N LEU D 61 -11.35 -27.26 -10.56
CA LEU D 61 -11.20 -28.56 -11.20
C LEU D 61 -10.93 -29.64 -10.17
N ALA D 62 -10.10 -29.33 -9.17
CA ALA D 62 -9.77 -30.32 -8.14
C ALA D 62 -11.00 -30.71 -7.33
N VAL D 63 -11.79 -29.74 -6.89
CA VAL D 63 -12.97 -30.05 -6.08
C VAL D 63 -14.01 -30.77 -6.92
N ALA D 64 -14.15 -30.39 -8.19
CA ALA D 64 -15.07 -31.10 -9.07
C ALA D 64 -14.65 -32.55 -9.24
N ASP D 65 -13.35 -32.78 -9.41
CA ASP D 65 -12.85 -34.15 -9.55
C ASP D 65 -13.09 -34.96 -8.28
N LEU D 66 -12.86 -34.35 -7.11
CA LEU D 66 -13.10 -35.05 -5.86
C LEU D 66 -14.57 -35.42 -5.70
N LEU D 67 -15.47 -34.48 -6.01
CA LEU D 67 -16.90 -34.74 -5.90
C LEU D 67 -17.34 -35.82 -6.89
N GLY D 68 -16.85 -35.76 -8.12
CA GLY D 68 -17.18 -36.80 -9.09
C GLY D 68 -16.67 -38.17 -8.68
N SER D 69 -15.47 -38.22 -8.09
CA SER D 69 -14.94 -39.48 -7.62
C SER D 69 -15.75 -40.05 -6.46
N VAL D 70 -16.14 -39.19 -5.51
CA VAL D 70 -16.85 -39.69 -4.33
C VAL D 70 -18.27 -40.14 -4.69
N ILE D 71 -18.95 -39.41 -5.58
CA ILE D 71 -20.33 -39.76 -5.87
C ILE D 71 -20.47 -40.89 -6.88
N PHE D 72 -19.64 -40.93 -7.93
CA PHE D 72 -19.81 -41.88 -9.01
C PHE D 72 -19.66 -43.33 -8.55
N VAL D 73 -18.71 -43.61 -7.66
CA VAL D 73 -18.48 -44.99 -7.23
C VAL D 73 -19.59 -45.48 -6.30
N TYR D 74 -20.39 -44.56 -5.76
CA TYR D 74 -21.43 -44.92 -4.80
C TYR D 74 -22.65 -45.56 -5.47
N SER D 75 -22.67 -45.61 -6.81
CA SER D 75 -23.88 -45.99 -7.54
C SER D 75 -24.23 -47.47 -7.43
N PHE D 76 -23.30 -48.33 -7.01
CA PHE D 76 -23.52 -49.77 -7.08
C PHE D 76 -23.93 -50.40 -5.75
N ILE D 77 -23.54 -49.82 -4.61
CA ILE D 77 -23.77 -50.46 -3.33
C ILE D 77 -25.24 -50.40 -2.90
N ASP D 78 -26.04 -49.54 -3.53
CA ASP D 78 -27.42 -49.32 -3.09
C ASP D 78 -28.33 -50.52 -3.31
N PHE D 79 -27.93 -51.46 -4.16
CA PHE D 79 -28.77 -52.60 -4.53
C PHE D 79 -28.17 -53.93 -4.09
N HIS D 80 -27.70 -54.01 -2.85
CA HIS D 80 -27.09 -55.23 -2.34
C HIS D 80 -28.03 -56.02 -1.43
N VAL D 81 -28.54 -55.41 -0.37
CA VAL D 81 -29.23 -56.17 0.68
C VAL D 81 -30.72 -55.83 0.74
N PHE D 82 -31.04 -54.57 1.02
CA PHE D 82 -32.42 -54.20 1.35
C PHE D 82 -33.22 -53.69 0.17
N HIS D 83 -32.59 -53.05 -0.82
CA HIS D 83 -33.29 -52.49 -1.98
C HIS D 83 -34.41 -51.55 -1.54
N ARG D 84 -34.03 -50.58 -0.70
CA ARG D 84 -34.99 -49.60 -0.22
C ARG D 84 -35.58 -48.82 -1.39
N LYS D 85 -36.91 -48.69 -1.41
CA LYS D 85 -37.60 -48.13 -2.57
C LYS D 85 -37.52 -46.60 -2.57
N ASP D 86 -38.09 -45.97 -1.53
CA ASP D 86 -38.20 -44.52 -1.43
C ASP D 86 -38.92 -44.02 -2.68
N SER D 87 -38.34 -43.15 -3.50
CA SER D 87 -38.99 -42.62 -4.67
C SER D 87 -38.04 -42.64 -5.87
N ARG D 88 -38.63 -42.62 -7.07
CA ARG D 88 -37.86 -42.46 -8.30
C ARG D 88 -37.07 -41.17 -8.33
N ASN D 89 -37.53 -40.15 -7.60
CA ASN D 89 -36.83 -38.87 -7.57
C ASN D 89 -35.40 -39.04 -7.05
N VAL D 90 -35.20 -39.98 -6.13
CA VAL D 90 -33.85 -40.23 -5.61
C VAL D 90 -32.93 -40.71 -6.73
N PHE D 91 -33.40 -41.66 -7.53
CA PHE D 91 -32.60 -42.16 -8.64
C PHE D 91 -32.34 -41.06 -9.66
N LEU D 92 -33.38 -40.27 -9.96
CA LEU D 92 -33.24 -39.20 -10.95
C LEU D 92 -32.22 -38.17 -10.49
N PHE D 93 -32.31 -37.74 -9.23
CA PHE D 93 -31.40 -36.76 -8.60
C PHE D 93 -30.01 -37.28 -8.31
N LYS D 94 -29.82 -38.59 -8.26
CA LYS D 94 -28.49 -39.18 -8.19
C LYS D 94 -27.84 -39.34 -9.55
N LEU D 95 -28.61 -39.65 -10.60
CA LEU D 95 -28.08 -39.67 -11.95
C LEU D 95 -27.78 -38.27 -12.48
N GLY D 96 -28.55 -37.27 -12.05
CA GLY D 96 -28.28 -35.90 -12.45
C GLY D 96 -26.95 -35.40 -11.94
N GLY D 97 -26.52 -35.89 -10.77
CA GLY D 97 -25.26 -35.45 -10.21
C GLY D 97 -24.06 -35.80 -11.07
N VAL D 98 -24.09 -36.98 -11.70
CA VAL D 98 -23.02 -37.39 -12.60
C VAL D 98 -22.91 -36.49 -13.83
N THR D 99 -24.01 -35.85 -14.24
CA THR D 99 -23.95 -34.94 -15.36
C THR D 99 -23.66 -33.51 -14.88
N ALA D 100 -23.40 -33.31 -13.58
CA ALA D 100 -23.10 -31.99 -13.05
C ALA D 100 -21.73 -31.91 -12.39
N SER D 101 -20.96 -33.00 -12.36
CA SER D 101 -19.64 -33.00 -11.77
C SER D 101 -18.57 -33.24 -12.83
N PHE D 102 -18.99 -33.36 -14.08
CA PHE D 102 -18.07 -33.49 -15.20
C PHE D 102 -18.17 -32.34 -16.19
N THR D 103 -19.38 -31.84 -16.44
CA THR D 103 -19.48 -30.61 -17.23
C THR D 103 -18.85 -29.44 -16.49
N ALA D 104 -18.88 -29.46 -15.15
CA ALA D 104 -18.18 -28.45 -14.38
C ALA D 104 -16.67 -28.54 -14.58
N SER D 105 -16.13 -29.76 -14.61
CA SER D 105 -14.71 -29.94 -14.87
C SER D 105 -14.35 -29.48 -16.28
N VAL D 106 -15.20 -29.82 -17.26
CA VAL D 106 -14.95 -29.39 -18.64
C VAL D 106 -15.00 -27.87 -18.75
N GLY D 107 -15.94 -27.24 -18.06
CA GLY D 107 -16.01 -25.79 -18.06
C GLY D 107 -14.80 -25.15 -17.40
N SER D 108 -14.32 -25.75 -16.31
CA SER D 108 -13.10 -25.24 -15.67
C SER D 108 -11.91 -25.36 -16.59
N LEU D 109 -11.80 -26.47 -17.32
CA LEU D 109 -10.74 -26.62 -18.30
C LEU D 109 -10.85 -25.58 -19.41
N PHE D 110 -12.07 -25.30 -19.87
CA PHE D 110 -12.26 -24.27 -20.89
C PHE D 110 -11.85 -22.90 -20.37
N LEU D 111 -12.23 -22.58 -19.13
CA LEU D 111 -11.87 -21.29 -18.56
C LEU D 111 -10.36 -21.14 -18.40
N THR D 112 -9.67 -22.19 -17.92
CA THR D 112 -8.23 -22.08 -17.78
C THR D 112 -7.54 -22.02 -19.14
N ALA D 113 -8.09 -22.71 -20.15
CA ALA D 113 -7.53 -22.61 -21.50
C ALA D 113 -7.69 -21.20 -22.04
N ILE D 114 -8.84 -20.57 -21.81
CA ILE D 114 -9.04 -19.19 -22.26
C ILE D 114 -8.09 -18.25 -21.52
N ASP D 115 -7.85 -18.51 -20.24
CA ASP D 115 -6.90 -17.71 -19.48
C ASP D 115 -5.50 -17.81 -20.08
N ARG D 116 -5.07 -19.03 -20.40
CA ARG D 116 -3.75 -19.21 -21.00
C ARG D 116 -3.67 -18.55 -22.37
N TYR D 117 -4.76 -18.62 -23.14
CA TYR D 117 -4.78 -17.96 -24.45
C TYR D 117 -4.64 -16.45 -24.31
N ILE D 118 -5.34 -15.86 -23.33
CA ILE D 118 -5.25 -14.43 -23.10
C ILE D 118 -3.85 -14.05 -22.65
N SER D 119 -3.19 -14.92 -21.87
CA SER D 119 -1.88 -14.60 -21.32
C SER D 119 -0.82 -14.38 -22.40
N ILE D 120 -1.07 -14.81 -23.63
CA ILE D 120 -0.13 -14.59 -24.72
C ILE D 120 -0.73 -13.74 -25.84
N HIS D 121 -2.06 -13.76 -26.04
CA HIS D 121 -2.66 -12.94 -27.09
C HIS D 121 -2.42 -11.46 -26.83
N ARG D 122 -2.57 -11.01 -25.59
CA ARG D 122 -2.30 -9.63 -25.19
C ARG D 122 -1.39 -9.67 -23.97
N PRO D 123 -0.09 -9.92 -24.18
CA PRO D 123 0.81 -10.12 -23.03
C PRO D 123 0.90 -8.92 -22.09
N LEU D 124 0.83 -7.70 -22.62
CA LEU D 124 0.98 -6.53 -21.77
C LEU D 124 -0.26 -6.23 -20.94
N ALA D 125 -1.44 -6.53 -21.47
CA ALA D 125 -2.69 -6.22 -20.79
C ALA D 125 -3.29 -7.42 -20.07
N TYR D 126 -2.54 -8.51 -19.95
CA TYR D 126 -3.06 -9.70 -19.27
C TYR D 126 -3.34 -9.42 -17.80
N LYS D 127 -2.45 -8.68 -17.14
CA LYS D 127 -2.60 -8.44 -15.71
C LYS D 127 -3.80 -7.55 -15.39
N ARG D 128 -4.24 -6.72 -16.34
CA ARG D 128 -5.39 -5.85 -16.14
C ARG D 128 -6.69 -6.46 -16.63
N ILE D 129 -6.67 -7.17 -17.76
CA ILE D 129 -7.89 -7.77 -18.30
C ILE D 129 -8.43 -8.83 -17.34
N VAL D 130 -7.55 -9.70 -16.86
CA VAL D 130 -7.94 -10.79 -15.97
C VAL D 130 -7.60 -10.36 -14.54
N THR D 131 -8.61 -10.26 -13.69
CA THR D 131 -8.44 -9.86 -12.30
C THR D 131 -9.38 -10.67 -11.43
N ARG D 132 -9.18 -10.56 -10.12
CA ARG D 132 -9.95 -11.36 -9.18
C ARG D 132 -11.46 -11.11 -9.26
N PRO D 133 -11.95 -9.86 -9.25
CA PRO D 133 -13.41 -9.66 -9.40
C PRO D 133 -13.97 -10.20 -10.70
N LYS D 134 -13.21 -10.13 -11.79
CA LYS D 134 -13.68 -10.64 -13.08
C LYS D 134 -13.41 -12.12 -13.27
N ALA D 135 -12.66 -12.76 -12.38
CA ALA D 135 -12.42 -14.19 -12.45
C ALA D 135 -13.35 -14.99 -11.55
N VAL D 136 -14.13 -14.33 -10.69
CA VAL D 136 -15.07 -15.03 -9.82
C VAL D 136 -16.48 -15.05 -10.38
N VAL D 137 -16.83 -14.13 -11.28
CA VAL D 137 -18.14 -14.18 -11.90
C VAL D 137 -18.31 -15.44 -12.75
N ALA D 138 -17.29 -15.77 -13.55
CA ALA D 138 -17.33 -17.00 -14.32
C ALA D 138 -17.20 -18.22 -13.42
N PHE D 139 -16.47 -18.10 -12.32
CA PHE D 139 -16.34 -19.19 -11.35
C PHE D 139 -17.70 -19.69 -10.91
N CYS D 140 -18.56 -18.78 -10.45
CA CYS D 140 -19.90 -19.18 -10.03
C CYS D 140 -20.82 -19.42 -11.21
N LEU D 141 -20.63 -18.70 -12.32
CA LEU D 141 -21.52 -18.84 -13.47
C LEU D 141 -21.44 -20.25 -14.06
N MET D 142 -20.23 -20.79 -14.20
CA MET D 142 -20.08 -22.13 -14.75
C MET D 142 -20.71 -23.19 -13.86
N TRP D 143 -20.52 -23.06 -12.54
CA TRP D 143 -21.14 -24.01 -11.61
C TRP D 143 -22.65 -23.93 -11.69
N THR D 144 -23.21 -22.72 -11.74
CA THR D 144 -24.66 -22.58 -11.84
C THR D 144 -25.18 -23.15 -13.16
N ILE D 145 -24.46 -22.92 -14.25
CA ILE D 145 -24.88 -23.46 -15.54
C ILE D 145 -24.86 -24.98 -15.51
N ALA D 146 -23.83 -25.57 -14.91
CA ALA D 146 -23.77 -27.03 -14.77
C ALA D 146 -24.95 -27.54 -13.95
N ILE D 147 -25.24 -26.87 -12.83
CA ILE D 147 -26.35 -27.31 -11.97
C ILE D 147 -27.67 -27.25 -12.72
N VAL D 148 -27.93 -26.15 -13.44
CA VAL D 148 -29.22 -26.00 -14.10
C VAL D 148 -29.33 -26.97 -15.28
N ILE D 149 -28.25 -27.19 -16.02
CA ILE D 149 -28.33 -28.12 -17.14
C ILE D 149 -28.49 -29.55 -16.63
N ALA D 150 -28.00 -29.83 -15.42
CA ALA D 150 -28.24 -31.16 -14.84
C ALA D 150 -29.67 -31.31 -14.36
N VAL D 151 -30.24 -30.26 -13.76
CA VAL D 151 -31.57 -30.36 -13.17
C VAL D 151 -32.70 -30.11 -14.16
N LEU D 152 -32.37 -29.65 -15.37
CA LEU D 152 -33.41 -29.36 -16.36
C LEU D 152 -34.37 -30.52 -16.63
N PRO D 153 -33.93 -31.77 -16.81
CA PRO D 153 -34.90 -32.84 -17.05
C PRO D 153 -35.90 -33.01 -15.91
N LEU D 154 -35.50 -32.74 -14.66
CA LEU D 154 -36.42 -32.86 -13.54
C LEU D 154 -37.57 -31.85 -13.66
N LEU D 155 -37.28 -30.64 -14.10
CA LEU D 155 -38.29 -29.61 -14.30
C LEU D 155 -38.91 -29.66 -15.70
N GLY D 156 -38.46 -30.58 -16.54
CA GLY D 156 -39.00 -30.75 -17.87
C GLY D 156 -39.83 -32.00 -17.95
N TRP D 157 -39.86 -32.60 -19.14
CA TRP D 157 -40.62 -33.81 -19.40
C TRP D 157 -39.69 -34.99 -19.61
N ASN D 158 -40.27 -36.19 -19.52
CA ASN D 158 -39.49 -37.42 -19.60
C ASN D 158 -39.88 -38.25 -20.81
N CYS D 159 -39.23 -39.40 -20.99
CA CYS D 159 -39.49 -40.26 -22.13
C CYS D 159 -40.70 -41.14 -21.90
N CYS D 166 -35.45 -46.26 -25.55
CA CYS D 166 -35.42 -45.00 -24.83
C CYS D 166 -35.60 -45.26 -23.33
N SER D 167 -34.63 -45.96 -22.74
CA SER D 167 -34.70 -46.31 -21.32
C SER D 167 -33.28 -46.60 -20.83
N ASP D 168 -32.78 -45.74 -19.95
CA ASP D 168 -31.47 -45.94 -19.33
C ASP D 168 -31.62 -46.93 -18.17
N ILE D 169 -30.60 -47.01 -17.31
CA ILE D 169 -30.71 -47.84 -16.12
C ILE D 169 -31.93 -47.44 -15.30
N PHE D 170 -32.13 -46.13 -15.13
CA PHE D 170 -33.40 -45.58 -14.70
C PHE D 170 -34.14 -45.02 -15.90
N PRO D 171 -35.48 -45.01 -15.87
CA PRO D 171 -36.23 -44.49 -17.02
C PRO D 171 -36.06 -42.98 -17.13
N HIS D 172 -34.87 -42.56 -17.60
CA HIS D 172 -34.54 -41.15 -17.67
C HIS D 172 -33.78 -40.82 -18.95
N ILE D 173 -34.09 -41.52 -20.05
CA ILE D 173 -33.29 -41.40 -21.27
C ILE D 173 -33.34 -39.98 -21.83
N ASP D 174 -34.52 -39.55 -22.27
CA ASP D 174 -34.69 -38.24 -22.89
C ASP D 174 -33.72 -38.04 -24.04
N GLU D 175 -33.93 -38.83 -25.10
CA GLU D 175 -33.06 -38.88 -26.27
C GLU D 175 -32.64 -37.50 -26.76
N THR D 176 -33.57 -36.53 -26.71
CA THR D 176 -33.24 -35.16 -27.12
C THR D 176 -32.21 -34.54 -26.18
N TYR D 177 -32.35 -34.78 -24.88
CA TYR D 177 -31.40 -34.24 -23.91
C TYR D 177 -30.00 -34.81 -24.11
N LEU D 178 -29.93 -36.10 -24.46
CA LEU D 178 -28.63 -36.71 -24.71
C LEU D 178 -27.93 -36.08 -25.91
N MET D 179 -28.65 -35.78 -26.98
CA MET D 179 -28.09 -35.04 -28.10
C MET D 179 -27.71 -33.62 -27.74
N PHE D 180 -28.52 -32.94 -26.92
CA PHE D 180 -28.21 -31.58 -26.52
C PHE D 180 -26.93 -31.50 -25.70
N TRP D 181 -26.76 -32.44 -24.77
CA TRP D 181 -25.58 -32.42 -23.90
C TRP D 181 -24.29 -32.64 -24.67
N ILE D 182 -24.30 -33.55 -25.65
CA ILE D 182 -23.13 -33.87 -26.45
C ILE D 182 -22.76 -32.67 -27.30
N GLY D 183 -23.77 -31.94 -27.77
CA GLY D 183 -23.52 -30.77 -28.58
C GLY D 183 -23.01 -29.59 -27.77
N VAL D 184 -23.49 -29.49 -26.52
CA VAL D 184 -23.00 -28.42 -25.65
C VAL D 184 -21.55 -28.68 -25.26
N THR D 185 -21.21 -29.91 -24.88
CA THR D 185 -19.84 -30.20 -24.44
C THR D 185 -18.86 -30.18 -25.60
N SER D 186 -19.34 -30.40 -26.83
CA SER D 186 -18.46 -30.45 -28.00
C SER D 186 -17.79 -29.11 -28.25
N VAL D 187 -18.54 -28.00 -28.07
CA VAL D 187 -17.97 -26.68 -28.30
C VAL D 187 -16.80 -26.43 -27.37
N LEU D 188 -16.96 -26.76 -26.09
CA LEU D 188 -15.88 -26.58 -25.12
C LEU D 188 -14.70 -27.48 -25.44
N LEU D 189 -14.98 -28.75 -25.79
CA LEU D 189 -13.91 -29.69 -26.06
C LEU D 189 -13.13 -29.31 -27.32
N LEU D 190 -13.77 -28.58 -28.23
CA LEU D 190 -13.08 -28.11 -29.42
C LEU D 190 -12.31 -26.82 -29.16
N PHE D 191 -12.90 -25.92 -28.38
CA PHE D 191 -12.24 -24.63 -28.11
C PHE D 191 -11.00 -24.81 -27.25
N ILE D 192 -10.99 -25.80 -26.34
CA ILE D 192 -9.78 -26.07 -25.57
C ILE D 192 -8.62 -26.40 -26.50
N VAL D 193 -8.87 -27.31 -27.44
CA VAL D 193 -7.84 -27.72 -28.39
C VAL D 193 -7.41 -26.54 -29.26
N TYR D 194 -8.37 -25.74 -29.71
CA TYR D 194 -8.04 -24.57 -30.53
C TYR D 194 -7.14 -23.60 -29.78
N ALA D 195 -7.48 -23.32 -28.51
CA ALA D 195 -6.68 -22.39 -27.72
C ALA D 195 -5.27 -22.91 -27.52
N TYR D 196 -5.13 -24.21 -27.22
CA TYR D 196 -3.79 -24.75 -27.00
C TYR D 196 -2.97 -24.74 -28.29
N MET D 197 -3.60 -25.04 -29.42
CA MET D 197 -2.89 -24.99 -30.69
C MET D 197 -2.43 -23.57 -31.00
N TYR D 198 -3.29 -22.58 -30.74
CA TYR D 198 -2.91 -21.19 -30.99
C TYR D 198 -1.77 -20.76 -30.08
N ILE D 199 -1.79 -21.19 -28.82
CA ILE D 199 -0.70 -20.87 -27.90
C ILE D 199 0.61 -21.43 -28.44
N LEU D 200 0.59 -22.69 -28.87
CA LEU D 200 1.80 -23.29 -29.43
C LEU D 200 2.29 -22.51 -30.64
N TRP D 201 1.39 -22.16 -31.55
CA TRP D 201 1.78 -21.45 -32.76
C TRP D 201 2.38 -20.08 -32.44
N LYS D 202 1.76 -19.34 -31.52
CA LYS D 202 2.26 -18.01 -31.18
C LYS D 202 3.62 -18.10 -30.50
N ALA D 203 3.80 -19.07 -29.60
CA ALA D 203 5.11 -19.24 -28.96
C ALA D 203 6.19 -19.58 -29.98
N HIS D 204 5.88 -20.47 -30.92
CA HIS D 204 6.86 -20.82 -31.93
C HIS D 204 7.19 -19.62 -32.82
N SER D 205 6.17 -18.83 -33.18
CA SER D 205 6.42 -17.65 -34.01
C SER D 205 7.31 -16.65 -33.27
N HIS D 206 7.04 -16.42 -31.99
CA HIS D 206 7.87 -15.50 -31.21
C HIS D 206 9.30 -16.00 -31.12
N ALA D 207 9.49 -17.29 -30.87
CA ALA D 207 10.84 -17.84 -30.79
C ALA D 207 11.59 -17.72 -32.11
N VAL D 208 10.92 -18.02 -33.22
CA VAL D 208 11.61 -17.97 -34.52
C VAL D 208 11.91 -16.52 -34.89
N ARG D 209 11.02 -15.58 -34.53
CA ARG D 209 11.32 -14.17 -34.76
C ARG D 209 12.53 -13.73 -33.96
N MET D 210 12.63 -14.16 -32.70
CA MET D 210 13.80 -13.84 -31.89
C MET D 210 15.07 -14.39 -32.52
N ILE D 211 15.00 -15.65 -32.97
CA ILE D 211 16.18 -16.29 -33.57
C ILE D 211 16.60 -15.58 -34.84
N GLN D 212 15.62 -15.21 -35.68
CA GLN D 212 15.93 -14.51 -36.92
C GLN D 212 16.53 -13.13 -36.63
N ARG D 213 16.01 -12.42 -35.63
CA ARG D 213 16.60 -11.13 -35.28
C ARG D 213 18.03 -11.30 -34.79
N GLY D 214 18.29 -12.33 -33.98
CA GLY D 214 19.67 -12.70 -33.69
C GLY D 214 20.17 -12.48 -32.29
N THR D 215 19.34 -12.76 -31.28
CA THR D 215 19.78 -12.76 -29.88
C THR D 215 19.93 -14.22 -29.44
N GLN D 216 21.08 -14.80 -29.75
CA GLN D 216 21.35 -16.19 -29.39
C GLN D 216 21.61 -16.29 -27.89
N LYS D 217 20.86 -17.15 -27.21
CA LYS D 217 20.94 -17.32 -25.76
C LYS D 217 20.76 -15.99 -25.03
N ALA D 237 15.78 -22.13 -28.58
CA ALA D 237 14.34 -22.13 -28.49
C ALA D 237 13.85 -23.05 -27.38
N ARG D 238 14.19 -22.70 -26.14
CA ARG D 238 13.77 -23.51 -24.99
C ARG D 238 12.29 -23.38 -24.68
N MET D 239 11.74 -22.16 -24.77
CA MET D 239 10.34 -21.96 -24.42
C MET D 239 9.42 -22.72 -25.36
N ASP D 240 9.72 -22.71 -26.66
CA ASP D 240 8.88 -23.40 -27.63
C ASP D 240 8.86 -24.91 -27.36
N ILE D 241 10.03 -25.49 -27.13
CA ILE D 241 10.12 -26.93 -26.88
C ILE D 241 9.42 -27.29 -25.57
N ARG D 242 9.62 -26.49 -24.52
CA ARG D 242 8.97 -26.77 -23.25
C ARG D 242 7.46 -26.69 -23.36
N LEU D 243 6.95 -25.66 -24.06
CA LEU D 243 5.51 -25.54 -24.24
C LEU D 243 4.96 -26.69 -25.07
N ALA D 244 5.68 -27.11 -26.12
CA ALA D 244 5.20 -28.22 -26.92
C ALA D 244 5.13 -29.50 -26.10
N LYS D 245 6.17 -29.77 -25.31
CA LYS D 245 6.16 -30.97 -24.46
C LYS D 245 5.04 -30.91 -23.43
N THR D 246 4.81 -29.73 -22.86
CA THR D 246 3.73 -29.61 -21.87
C THR D 246 2.36 -29.79 -22.50
N LEU D 247 2.16 -29.28 -23.71
CA LEU D 247 0.82 -29.22 -24.28
C LEU D 247 0.43 -30.47 -25.06
N VAL D 248 1.39 -31.19 -25.66
CA VAL D 248 1.00 -32.39 -26.39
C VAL D 248 0.44 -33.44 -25.44
N LEU D 249 1.01 -33.55 -24.24
CA LEU D 249 0.50 -34.50 -23.25
C LEU D 249 -0.93 -34.14 -22.85
N ILE D 250 -1.20 -32.86 -22.61
CA ILE D 250 -2.54 -32.44 -22.24
C ILE D 250 -3.53 -32.75 -23.35
N LEU D 251 -3.15 -32.43 -24.60
CA LEU D 251 -4.05 -32.66 -25.73
C LEU D 251 -4.32 -34.15 -25.92
N VAL D 252 -3.30 -35.00 -25.80
CA VAL D 252 -3.52 -36.43 -26.02
C VAL D 252 -4.36 -37.01 -24.90
N VAL D 253 -4.14 -36.58 -23.66
CA VAL D 253 -4.96 -37.07 -22.55
C VAL D 253 -6.42 -36.66 -22.75
N LEU D 254 -6.65 -35.40 -23.14
CA LEU D 254 -8.01 -34.93 -23.35
C LEU D 254 -8.69 -35.67 -24.50
N ILE D 255 -7.97 -35.94 -25.59
CA ILE D 255 -8.61 -36.61 -26.72
C ILE D 255 -8.77 -38.10 -26.49
N ILE D 256 -7.97 -38.70 -25.60
CA ILE D 256 -8.11 -40.13 -25.35
C ILE D 256 -9.22 -40.40 -24.33
N CYS D 257 -9.23 -39.65 -23.23
CA CYS D 257 -10.17 -39.98 -22.16
C CYS D 257 -11.59 -39.56 -22.47
N TRP D 258 -11.81 -38.68 -23.45
CA TRP D 258 -13.15 -38.25 -23.83
C TRP D 258 -13.54 -38.72 -25.22
N GLY D 259 -12.78 -39.64 -25.80
CA GLY D 259 -13.04 -40.10 -27.14
C GLY D 259 -14.03 -41.25 -27.23
N PRO D 260 -13.71 -42.40 -26.63
CA PRO D 260 -14.62 -43.55 -26.72
C PRO D 260 -15.99 -43.29 -26.10
N LEU D 261 -16.05 -42.56 -24.98
CA LEU D 261 -17.33 -42.29 -24.34
C LEU D 261 -18.26 -41.54 -25.29
N LEU D 262 -17.79 -40.42 -25.84
CA LEU D 262 -18.61 -39.63 -26.74
C LEU D 262 -18.90 -40.40 -28.03
N ALA D 263 -17.93 -41.17 -28.51
CA ALA D 263 -18.14 -41.94 -29.73
C ALA D 263 -19.28 -42.94 -29.57
N ILE D 264 -19.27 -43.72 -28.48
CA ILE D 264 -20.34 -44.69 -28.31
C ILE D 264 -21.64 -44.02 -27.93
N MET D 265 -21.60 -42.87 -27.26
CA MET D 265 -22.84 -42.19 -26.91
C MET D 265 -23.50 -41.57 -28.14
N VAL D 266 -22.71 -41.18 -29.15
CA VAL D 266 -23.33 -40.70 -30.38
C VAL D 266 -23.69 -41.86 -31.28
N TYR D 267 -23.01 -43.00 -31.16
CA TYR D 267 -23.45 -44.23 -31.80
C TYR D 267 -24.83 -44.64 -31.29
N ASP D 268 -25.05 -44.47 -29.99
CA ASP D 268 -26.36 -44.74 -29.39
C ASP D 268 -27.31 -43.62 -29.80
N VAL D 269 -27.68 -43.59 -31.08
CA VAL D 269 -28.62 -42.61 -31.59
C VAL D 269 -29.86 -43.24 -32.20
N PHE D 270 -29.80 -44.50 -32.64
CA PHE D 270 -30.97 -45.20 -33.15
C PHE D 270 -31.68 -46.01 -32.09
N GLY D 271 -31.21 -45.97 -30.83
CA GLY D 271 -31.82 -46.73 -29.77
C GLY D 271 -31.44 -48.19 -29.71
N LYS D 272 -30.48 -48.63 -30.53
CA LYS D 272 -30.04 -50.01 -30.54
C LYS D 272 -28.77 -50.17 -29.73
N MET D 273 -28.70 -51.26 -28.96
CA MET D 273 -27.56 -51.54 -28.11
C MET D 273 -27.44 -53.04 -27.92
N ASN D 274 -26.27 -53.47 -27.44
CA ASN D 274 -25.99 -54.88 -27.25
C ASN D 274 -25.28 -55.08 -25.92
N LYS D 275 -25.13 -56.35 -25.54
CA LYS D 275 -24.34 -56.67 -24.36
C LYS D 275 -22.90 -56.21 -24.52
N LEU D 276 -22.39 -56.20 -25.76
CA LEU D 276 -21.07 -55.65 -26.01
C LEU D 276 -21.03 -54.15 -25.67
N ILE D 277 -22.08 -53.42 -26.04
CA ILE D 277 -22.14 -52.00 -25.72
C ILE D 277 -22.21 -51.79 -24.21
N LYS D 278 -23.01 -52.62 -23.51
CA LYS D 278 -23.06 -52.51 -22.06
C LYS D 278 -21.69 -52.78 -21.44
N THR D 279 -20.98 -53.80 -21.93
CA THR D 279 -19.66 -54.10 -21.41
C THR D 279 -18.66 -52.98 -21.67
N VAL D 280 -18.71 -52.39 -22.86
CA VAL D 280 -17.75 -51.32 -23.15
C VAL D 280 -18.06 -50.09 -22.31
N PHE D 281 -19.34 -49.81 -22.04
CA PHE D 281 -19.66 -48.74 -21.09
C PHE D 281 -19.14 -49.04 -19.70
N ALA D 282 -19.32 -50.28 -19.24
CA ALA D 282 -18.85 -50.65 -17.91
C ALA D 282 -17.34 -50.51 -17.82
N PHE D 283 -16.63 -50.83 -18.91
CA PHE D 283 -15.17 -50.77 -18.87
C PHE D 283 -14.63 -49.37 -19.14
N CYS D 284 -15.40 -48.52 -19.81
CA CYS D 284 -14.99 -47.14 -20.05
C CYS D 284 -15.42 -46.19 -18.93
N SER D 285 -16.24 -46.67 -17.99
CA SER D 285 -16.48 -45.88 -16.79
C SER D 285 -15.18 -45.52 -16.09
N MET D 286 -14.25 -46.49 -16.00
CA MET D 286 -12.98 -46.20 -15.34
C MET D 286 -12.11 -45.26 -16.18
N LEU D 287 -12.20 -45.35 -17.51
CA LEU D 287 -11.50 -44.38 -18.35
C LEU D 287 -12.03 -42.97 -18.09
N CYS D 288 -13.35 -42.83 -17.98
CA CYS D 288 -13.94 -41.53 -17.66
C CYS D 288 -13.47 -41.04 -16.30
N LEU D 289 -13.42 -41.93 -15.31
CA LEU D 289 -13.02 -41.53 -13.97
C LEU D 289 -11.53 -41.21 -13.88
N LEU D 290 -10.71 -41.79 -14.76
CA LEU D 290 -9.25 -41.61 -14.71
C LEU D 290 -8.83 -40.16 -14.94
N ASN D 291 -9.70 -39.31 -15.51
CA ASN D 291 -9.39 -37.89 -15.59
C ASN D 291 -9.19 -37.29 -14.22
N SER D 292 -10.08 -37.60 -13.27
CA SER D 292 -9.95 -37.07 -11.92
C SER D 292 -8.66 -37.52 -11.25
N THR D 293 -7.99 -38.54 -11.78
CA THR D 293 -6.70 -38.99 -11.26
C THR D 293 -5.53 -38.33 -11.97
N VAL D 294 -5.55 -38.26 -13.30
CA VAL D 294 -4.38 -37.84 -14.06
C VAL D 294 -4.37 -36.34 -14.32
N ASN D 295 -5.51 -35.76 -14.68
CA ASN D 295 -5.56 -34.34 -15.01
C ASN D 295 -5.08 -33.44 -13.89
N PRO D 296 -5.53 -33.59 -12.64
CA PRO D 296 -4.96 -32.74 -11.57
C PRO D 296 -3.50 -32.98 -11.34
N ILE D 297 -2.99 -34.21 -11.49
CA ILE D 297 -1.56 -34.44 -11.38
C ILE D 297 -0.81 -33.59 -12.39
N ILE D 298 -1.22 -33.66 -13.66
CA ILE D 298 -0.52 -32.90 -14.69
C ILE D 298 -0.62 -31.41 -14.41
N TYR D 299 -1.84 -30.92 -14.16
CA TYR D 299 -2.07 -29.49 -14.05
C TYR D 299 -1.36 -28.88 -12.84
N ALA D 300 -1.39 -29.57 -11.70
CA ALA D 300 -0.80 -29.05 -10.46
C ALA D 300 0.65 -29.49 -10.26
N LEU D 301 1.21 -30.30 -11.16
CA LEU D 301 2.61 -30.68 -11.07
C LEU D 301 3.48 -30.01 -12.11
N ARG D 302 2.92 -29.63 -13.26
CA ARG D 302 3.74 -28.97 -14.27
C ARG D 302 4.16 -27.57 -13.85
N SER D 303 3.32 -26.89 -13.06
CA SER D 303 3.65 -25.55 -12.60
C SER D 303 4.66 -25.63 -11.45
N LYS D 304 5.75 -24.86 -11.57
CA LYS D 304 6.80 -24.90 -10.56
C LYS D 304 6.45 -24.11 -9.30
N ASP D 305 5.47 -23.20 -9.38
CA ASP D 305 5.11 -22.41 -8.21
C ASP D 305 4.57 -23.28 -7.08
N LEU D 306 3.71 -24.24 -7.41
CA LEU D 306 3.16 -25.13 -6.38
C LEU D 306 4.27 -25.99 -5.78
N ARG D 307 5.18 -26.49 -6.62
CA ARG D 307 6.29 -27.30 -6.11
C ARG D 307 7.17 -26.50 -5.17
N HIS D 308 7.46 -25.24 -5.52
CA HIS D 308 8.26 -24.39 -4.63
C HIS D 308 7.51 -24.07 -3.35
N ALA D 309 6.19 -23.89 -3.43
CA ALA D 309 5.40 -23.63 -2.24
C ALA D 309 5.38 -24.83 -1.29
N PHE D 310 5.35 -26.03 -1.86
CA PHE D 310 5.33 -27.27 -1.07
C PHE D 310 4.12 -27.32 -0.15
N VAL E 2 -12.49 33.02 0.53
CA VAL E 2 -11.80 34.24 0.17
C VAL E 2 -12.79 35.23 -0.46
N GLN E 3 -13.55 34.77 -1.45
CA GLN E 3 -14.53 35.63 -2.09
C GLN E 3 -15.65 34.77 -2.69
N LEU E 4 -16.90 35.17 -2.44
CA LEU E 4 -18.08 34.51 -2.99
C LEU E 4 -19.01 35.59 -3.50
N VAL E 5 -19.30 35.58 -4.79
CA VAL E 5 -20.14 36.59 -5.43
C VAL E 5 -21.50 35.97 -5.72
N GLU E 6 -22.54 36.52 -5.11
CA GLU E 6 -23.91 36.05 -5.30
C GLU E 6 -24.67 37.02 -6.19
N SER E 7 -25.38 36.48 -7.18
CA SER E 7 -26.10 37.28 -8.16
C SER E 7 -27.51 36.73 -8.33
N GLY E 8 -28.40 37.59 -8.80
CA GLY E 8 -29.80 37.26 -8.97
C GLY E 8 -30.71 38.07 -8.08
N GLY E 9 -31.34 39.08 -8.63
CA GLY E 9 -32.23 39.94 -7.87
C GLY E 9 -33.68 39.54 -8.01
N GLY E 10 -34.35 39.34 -6.88
CA GLY E 10 -35.73 38.87 -6.91
C GLY E 10 -36.77 39.96 -6.87
N LEU E 11 -37.40 40.22 -8.02
CA LEU E 11 -38.57 41.10 -8.09
C LEU E 11 -39.44 40.57 -9.22
N VAL E 12 -40.40 39.71 -8.87
CA VAL E 12 -41.26 39.05 -9.83
C VAL E 12 -42.70 39.11 -9.35
N GLN E 13 -43.62 38.96 -10.31
CA GLN E 13 -45.03 38.83 -9.98
C GLN E 13 -45.28 37.44 -9.37
N PRO E 14 -46.34 37.30 -8.57
CA PRO E 14 -46.63 35.98 -7.99
C PRO E 14 -46.92 34.96 -9.08
N GLY E 15 -46.47 33.73 -8.83
CA GLY E 15 -46.62 32.66 -9.80
C GLY E 15 -45.49 32.53 -10.79
N GLY E 16 -44.34 33.15 -10.53
CA GLY E 16 -43.20 33.10 -11.43
C GLY E 16 -42.05 32.28 -10.88
N SER E 17 -40.96 32.31 -11.62
CA SER E 17 -39.75 31.57 -11.26
C SER E 17 -38.52 32.36 -11.71
N ARG E 18 -37.40 32.15 -11.02
CA ARG E 18 -36.16 32.80 -11.36
C ARG E 18 -35.02 32.02 -10.70
N LYS E 19 -33.79 32.38 -11.06
CA LYS E 19 -32.59 31.66 -10.63
C LYS E 19 -31.73 32.54 -9.74
N LEU E 20 -30.93 31.90 -8.89
CA LEU E 20 -29.97 32.61 -8.04
C LEU E 20 -28.61 31.95 -8.19
N SER E 21 -27.62 32.69 -8.68
CA SER E 21 -26.32 32.11 -8.97
C SER E 21 -25.28 32.61 -7.95
N CYS E 22 -24.18 31.86 -7.86
CA CYS E 22 -23.05 32.28 -7.05
C CYS E 22 -21.78 31.70 -7.64
N SER E 23 -20.71 32.50 -7.62
CA SER E 23 -19.42 32.14 -8.15
C SER E 23 -18.37 32.25 -7.05
N ALA E 24 -17.44 31.29 -7.04
CA ALA E 24 -16.41 31.19 -6.03
C ALA E 24 -15.04 31.43 -6.64
N SER E 25 -14.17 32.10 -5.90
CA SER E 25 -12.81 32.36 -6.31
C SER E 25 -11.85 31.93 -5.20
N GLY E 26 -10.74 31.32 -5.59
CA GLY E 26 -9.75 30.87 -4.64
C GLY E 26 -10.21 29.76 -3.72
N PHE E 27 -11.00 28.82 -4.23
CA PHE E 27 -11.44 27.66 -3.47
C PHE E 27 -11.02 26.37 -4.16
N ALA E 28 -10.96 25.31 -3.36
CA ALA E 28 -11.06 23.94 -3.88
C ALA E 28 -12.54 23.57 -3.90
N PHE E 29 -13.29 24.31 -4.74
CA PHE E 29 -14.74 24.22 -4.74
C PHE E 29 -15.23 22.80 -4.99
N SER E 30 -14.42 21.98 -5.67
CA SER E 30 -14.77 20.59 -5.87
C SER E 30 -14.75 19.78 -4.58
N SER E 31 -14.24 20.33 -3.49
CA SER E 31 -14.11 19.60 -2.24
C SER E 31 -14.75 20.35 -1.07
N PHE E 32 -15.64 21.31 -1.34
CA PHE E 32 -16.38 22.01 -0.31
C PHE E 32 -17.87 21.73 -0.45
N GLY E 33 -18.49 21.30 0.64
CA GLY E 33 -19.94 21.31 0.71
C GLY E 33 -20.48 22.73 0.72
N MET E 34 -21.65 22.90 0.12
CA MET E 34 -22.19 24.24 -0.09
C MET E 34 -23.62 24.27 0.44
N HIS E 35 -23.89 25.15 1.41
CA HIS E 35 -25.25 25.30 1.91
C HIS E 35 -25.91 26.49 1.22
N TRP E 36 -27.19 26.69 1.51
CA TRP E 36 -27.90 27.91 1.17
C TRP E 36 -28.75 28.30 2.38
N VAL E 37 -28.67 29.56 2.79
CA VAL E 37 -29.35 30.01 4.00
C VAL E 37 -30.18 31.24 3.65
N ARG E 38 -31.31 31.41 4.33
CA ARG E 38 -32.14 32.58 4.15
C ARG E 38 -32.36 33.28 5.48
N GLN E 39 -32.59 34.59 5.40
CA GLN E 39 -32.92 35.41 6.56
C GLN E 39 -34.05 36.36 6.18
N ALA E 40 -35.17 36.25 6.87
CA ALA E 40 -36.28 37.18 6.69
C ALA E 40 -35.93 38.50 7.35
N PRO E 41 -36.64 39.58 7.00
CA PRO E 41 -36.35 40.88 7.64
C PRO E 41 -36.42 40.85 9.16
N GLU E 42 -37.34 40.06 9.73
CA GLU E 42 -37.40 39.86 11.18
C GLU E 42 -37.47 38.35 11.45
N LYS E 43 -36.30 37.72 11.48
CA LYS E 43 -36.20 36.28 11.71
C LYS E 43 -34.72 35.96 11.93
N GLY E 44 -34.41 34.67 11.99
CA GLY E 44 -33.07 34.18 12.12
C GLY E 44 -32.52 33.64 10.81
N LEU E 45 -31.53 32.75 10.93
CA LEU E 45 -30.87 32.15 9.77
C LEU E 45 -31.21 30.67 9.73
N GLU E 46 -32.00 30.27 8.73
CA GLU E 46 -32.45 28.89 8.62
C GLU E 46 -32.07 28.34 7.26
N TRP E 47 -31.86 27.02 7.21
CA TRP E 47 -31.44 26.35 6.00
C TRP E 47 -32.53 26.42 4.93
N VAL E 48 -32.09 26.33 3.68
CA VAL E 48 -33.02 25.99 2.59
C VAL E 48 -32.52 24.83 1.73
N ALA E 49 -31.23 24.50 1.76
CA ALA E 49 -30.67 23.41 0.99
C ALA E 49 -29.23 23.18 1.42
N TYR E 50 -28.79 21.93 1.31
CA TYR E 50 -27.40 21.58 1.55
C TYR E 50 -26.93 20.65 0.44
N ILE E 51 -25.71 20.87 -0.05
CA ILE E 51 -25.15 20.11 -1.16
C ILE E 51 -23.76 19.65 -0.79
N SER E 52 -23.48 18.37 -1.01
CA SER E 52 -22.21 17.77 -0.62
C SER E 52 -21.28 17.66 -1.82
N SER E 53 -20.01 17.38 -1.52
CA SER E 53 -19.02 17.22 -2.57
C SER E 53 -19.29 15.98 -3.40
N GLY E 54 -19.26 16.15 -4.73
CA GLY E 54 -19.59 15.07 -5.64
C GLY E 54 -21.05 14.95 -5.99
N SER E 55 -21.91 15.81 -5.43
CA SER E 55 -23.35 15.83 -5.73
C SER E 55 -24.00 14.48 -5.39
N GLY E 56 -23.92 14.13 -4.11
CA GLY E 56 -24.51 12.89 -3.64
C GLY E 56 -25.50 13.10 -2.52
N THR E 57 -25.65 14.34 -2.06
CA THR E 57 -26.55 14.68 -0.96
C THR E 57 -27.17 16.04 -1.27
N ILE E 58 -28.48 16.06 -1.52
CA ILE E 58 -29.14 17.26 -2.02
C ILE E 58 -30.26 17.64 -1.05
N TYR E 59 -30.00 17.45 0.25
CA TYR E 59 -30.97 17.80 1.28
C TYR E 59 -31.60 19.16 1.03
N TYR E 60 -32.91 19.24 1.21
CA TYR E 60 -33.68 20.45 0.95
C TYR E 60 -34.30 20.95 2.26
N ALA E 61 -35.11 21.99 2.14
CA ALA E 61 -35.77 22.63 3.27
C ALA E 61 -37.04 21.88 3.64
N ASP E 62 -37.31 21.80 4.94
CA ASP E 62 -38.55 21.18 5.40
C ASP E 62 -39.76 22.07 5.16
N THR E 63 -39.60 23.38 5.25
CA THR E 63 -40.72 24.29 5.02
C THR E 63 -41.23 24.20 3.59
N VAL E 64 -40.32 24.19 2.62
CA VAL E 64 -40.67 24.01 1.21
C VAL E 64 -39.80 22.88 0.65
N LYS E 65 -40.47 21.84 0.15
CA LYS E 65 -39.77 20.65 -0.34
C LYS E 65 -40.26 20.31 -1.73
N GLY E 66 -39.32 19.94 -2.60
CA GLY E 66 -39.66 19.53 -3.95
C GLY E 66 -39.91 20.66 -4.92
N ARG E 67 -39.72 21.91 -4.51
CA ARG E 67 -39.91 23.05 -5.41
C ARG E 67 -38.60 23.70 -5.80
N PHE E 68 -37.65 23.82 -4.89
CA PHE E 68 -36.34 24.38 -5.18
C PHE E 68 -35.39 23.26 -5.58
N THR E 69 -34.39 23.59 -6.40
CA THR E 69 -33.37 22.62 -6.74
C THR E 69 -32.03 23.33 -6.90
N ILE E 70 -30.95 22.57 -6.68
CA ILE E 70 -29.59 23.09 -6.74
C ILE E 70 -28.87 22.45 -7.92
N SER E 71 -28.08 23.25 -8.62
CA SER E 71 -27.17 22.75 -9.64
C SER E 71 -25.77 23.28 -9.36
N ARG E 72 -24.77 22.46 -9.70
CA ARG E 72 -23.38 22.73 -9.37
C ARG E 72 -22.50 22.50 -10.59
N ASP E 73 -21.45 23.30 -10.71
CA ASP E 73 -20.48 23.16 -11.80
C ASP E 73 -19.08 23.33 -11.19
N ASP E 74 -18.41 22.21 -10.94
CA ASP E 74 -17.03 22.28 -10.46
C ASP E 74 -16.09 22.90 -11.48
N PRO E 75 -16.10 22.50 -12.76
CA PRO E 75 -15.20 23.19 -13.72
C PRO E 75 -15.47 24.68 -13.82
N LYS E 76 -16.73 25.10 -13.72
CA LYS E 76 -17.07 26.51 -13.74
C LYS E 76 -17.07 27.14 -12.36
N ASN E 77 -16.95 26.35 -11.30
CA ASN E 77 -16.94 26.83 -9.92
C ASN E 77 -18.19 27.66 -9.62
N THR E 78 -19.35 27.19 -10.07
CA THR E 78 -20.59 27.95 -9.96
C THR E 78 -21.67 27.10 -9.32
N LEU E 79 -22.33 27.66 -8.30
CA LEU E 79 -23.43 27.00 -7.61
C LEU E 79 -24.69 27.85 -7.74
N PHE E 80 -25.79 27.26 -8.18
CA PHE E 80 -26.99 28.07 -8.37
C PHE E 80 -28.25 27.29 -8.04
N LEU E 81 -29.32 28.08 -7.84
CA LEU E 81 -30.62 27.64 -7.36
C LEU E 81 -31.68 27.93 -8.41
N GLN E 82 -32.47 26.91 -8.75
CA GLN E 82 -33.69 27.05 -9.53
C GLN E 82 -34.88 27.03 -8.59
N MET E 83 -35.69 28.07 -8.64
CA MET E 83 -36.86 28.22 -7.79
C MET E 83 -38.11 28.01 -8.63
N THR E 84 -39.09 27.30 -8.08
CA THR E 84 -40.33 27.03 -8.80
C THR E 84 -41.52 27.37 -7.90
N SER E 85 -42.56 27.91 -8.54
CA SER E 85 -43.82 28.25 -7.86
C SER E 85 -43.58 29.23 -6.71
N LEU E 86 -43.07 30.41 -7.07
CA LEU E 86 -42.84 31.44 -6.07
C LEU E 86 -44.16 31.95 -5.52
N ARG E 87 -44.23 32.04 -4.19
CA ARG E 87 -45.42 32.50 -3.48
C ARG E 87 -45.15 33.88 -2.87
N SER E 88 -46.11 34.36 -2.08
CA SER E 88 -46.00 35.68 -1.49
C SER E 88 -44.97 35.75 -0.37
N GLU E 89 -44.73 34.65 0.34
CA GLU E 89 -43.83 34.67 1.48
C GLU E 89 -42.40 34.33 1.10
N ASP E 90 -41.88 34.97 0.06
CA ASP E 90 -40.47 34.86 -0.36
C ASP E 90 -39.93 36.29 -0.46
N THR E 91 -39.50 36.84 0.66
CA THR E 91 -39.01 38.22 0.73
C THR E 91 -37.76 38.27 1.61
N ALA E 92 -36.83 37.37 1.37
CA ALA E 92 -35.72 37.16 2.29
C ALA E 92 -34.38 37.46 1.61
N MET E 93 -33.33 37.49 2.43
CA MET E 93 -31.96 37.63 2.00
C MET E 93 -31.32 36.25 1.96
N TYR E 94 -30.76 35.87 0.82
CA TYR E 94 -30.17 34.55 0.65
C TYR E 94 -28.65 34.63 0.63
N TYR E 95 -28.01 33.69 1.33
CA TYR E 95 -26.57 33.58 1.39
C TYR E 95 -26.15 32.17 1.00
N CYS E 96 -24.90 32.02 0.58
CA CYS E 96 -24.38 30.82 -0.06
C CYS E 96 -23.15 30.31 0.68
N VAL E 97 -23.27 30.18 2.00
CA VAL E 97 -22.21 29.73 2.89
C VAL E 97 -21.61 28.41 2.41
N ARG E 98 -20.31 28.21 2.67
CA ARG E 98 -19.60 26.98 2.36
C ARG E 98 -19.08 26.35 3.64
N SER E 99 -18.80 25.04 3.56
CA SER E 99 -18.32 24.30 4.72
C SER E 99 -17.58 23.06 4.24
N ILE E 100 -16.77 22.50 5.14
CA ILE E 100 -16.04 21.27 4.87
C ILE E 100 -15.81 20.55 6.19
N TYR E 101 -15.90 19.22 6.16
CA TYR E 101 -15.82 18.40 7.37
C TYR E 101 -14.61 17.48 7.28
N TYR E 102 -13.58 17.77 8.06
CA TYR E 102 -12.42 16.89 8.20
C TYR E 102 -12.70 15.87 9.30
N TYR E 103 -11.64 15.28 9.84
CA TYR E 103 -11.77 14.35 10.96
C TYR E 103 -10.86 14.76 12.11
N SER E 105 -12.81 21.47 8.97
CA SER E 105 -13.06 21.11 10.36
C SER E 105 -13.91 22.18 11.04
N SER E 106 -14.04 23.33 10.39
CA SER E 106 -14.81 24.46 10.91
C SER E 106 -15.89 24.81 9.90
N PRO E 107 -17.03 24.13 9.96
CA PRO E 107 -18.08 24.37 8.97
C PRO E 107 -18.66 25.77 9.06
N PHE E 108 -19.17 26.23 7.92
CA PHE E 108 -19.80 27.55 7.79
C PHE E 108 -18.80 28.67 8.00
N ASP E 109 -17.56 28.45 7.59
CA ASP E 109 -16.49 29.40 7.87
C ASP E 109 -16.65 30.70 7.07
N PHE E 110 -16.98 30.59 5.79
CA PHE E 110 -17.09 31.74 4.92
C PHE E 110 -18.53 31.91 4.43
N TRP E 111 -19.01 33.15 4.43
CA TRP E 111 -20.35 33.48 3.97
C TRP E 111 -20.28 34.45 2.79
N GLY E 112 -21.21 34.30 1.86
CA GLY E 112 -21.29 35.19 0.72
C GLY E 112 -22.00 36.49 1.05
N GLN E 113 -22.15 37.33 0.03
CA GLN E 113 -22.82 38.61 0.21
C GLN E 113 -24.34 38.45 0.28
N GLY E 114 -24.90 37.53 -0.50
CA GLY E 114 -26.33 37.30 -0.50
C GLY E 114 -27.07 38.21 -1.45
N THR E 115 -28.31 37.80 -1.77
CA THR E 115 -29.15 38.54 -2.70
C THR E 115 -30.58 38.60 -2.16
N THR E 116 -31.29 39.65 -2.53
CA THR E 116 -32.64 39.87 -2.02
C THR E 116 -33.67 39.12 -2.86
N LEU E 117 -34.80 38.78 -2.23
CA LEU E 117 -35.93 38.20 -2.95
C LEU E 117 -37.20 38.81 -2.37
N THR E 118 -37.97 39.47 -3.23
CA THR E 118 -39.26 40.03 -2.83
C THR E 118 -40.28 39.70 -3.92
N VAL E 119 -41.55 39.63 -3.49
CA VAL E 119 -42.66 39.32 -4.39
C VAL E 119 -43.70 40.43 -4.27
N SER E 120 -44.05 41.03 -5.41
CA SER E 120 -45.05 42.08 -5.41
C SER E 120 -46.43 41.52 -5.10
N SER E 121 -47.24 42.29 -4.40
CA SER E 121 -48.59 41.88 -4.04
C SER E 121 -49.63 42.74 -4.74
N SER E 136 -41.09 18.15 14.33
CA SER E 136 -39.70 17.80 14.57
C SER E 136 -38.80 19.03 14.43
N ASP E 137 -39.30 20.18 14.88
CA ASP E 137 -38.57 21.43 14.85
C ASP E 137 -38.39 21.95 16.27
N ILE E 138 -37.17 22.35 16.60
CA ILE E 138 -36.86 22.83 17.94
C ILE E 138 -37.12 24.33 18.01
N VAL E 139 -37.87 24.75 19.02
CA VAL E 139 -38.26 26.15 19.19
C VAL E 139 -37.95 26.59 20.61
N MET E 140 -37.51 27.84 20.75
CA MET E 140 -37.11 28.41 22.03
C MET E 140 -37.77 29.76 22.23
N THR E 141 -38.11 30.06 23.48
CA THR E 141 -38.67 31.36 23.87
C THR E 141 -38.08 31.79 25.21
N GLN E 142 -37.74 33.07 25.31
CA GLN E 142 -37.29 33.66 26.56
C GLN E 142 -38.00 34.99 26.80
N ALA E 143 -38.08 35.37 28.07
CA ALA E 143 -38.70 36.64 28.42
C ALA E 143 -37.88 37.81 27.88
N THR E 144 -36.56 37.72 27.97
CA THR E 144 -35.67 38.77 27.49
C THR E 144 -35.38 38.57 26.00
N SER E 145 -35.60 39.62 25.22
CA SER E 145 -35.39 39.58 23.77
C SER E 145 -34.88 40.94 23.31
N SER E 146 -33.85 40.92 22.46
CA SER E 146 -33.26 42.13 21.89
C SER E 146 -32.76 43.08 22.99
N VAL E 147 -31.84 42.56 23.79
CA VAL E 147 -31.25 43.31 24.90
C VAL E 147 -30.28 44.35 24.33
N PRO E 148 -30.48 45.64 24.64
CA PRO E 148 -29.54 46.65 24.13
C PRO E 148 -28.16 46.48 24.75
N VAL E 149 -27.14 46.86 23.97
CA VAL E 149 -25.76 46.76 24.43
C VAL E 149 -25.43 48.00 25.24
N THR E 150 -25.06 47.80 26.51
CA THR E 150 -24.73 48.91 27.39
C THR E 150 -23.26 49.27 27.22
N PRO E 151 -22.93 50.51 26.85
CA PRO E 151 -21.51 50.88 26.70
C PRO E 151 -20.77 50.80 28.02
N GLY E 152 -19.50 50.42 27.93
CA GLY E 152 -18.64 50.34 29.11
C GLY E 152 -18.87 49.14 30.00
N GLU E 153 -19.57 48.11 29.51
CA GLU E 153 -19.87 46.93 30.32
C GLU E 153 -19.60 45.70 29.47
N SER E 154 -19.98 44.53 29.99
CA SER E 154 -19.81 43.26 29.31
C SER E 154 -21.16 42.61 29.10
N VAL E 155 -21.39 42.11 27.89
CA VAL E 155 -22.66 41.48 27.52
C VAL E 155 -22.43 39.98 27.41
N SER E 156 -23.41 39.22 27.92
CA SER E 156 -23.37 37.76 27.86
C SER E 156 -24.72 37.25 27.36
N ILE E 157 -24.67 36.17 26.58
CA ILE E 157 -25.85 35.58 25.97
C ILE E 157 -26.03 34.18 26.53
N SER E 158 -27.20 33.89 27.07
CA SER E 158 -27.52 32.59 27.64
C SER E 158 -28.59 31.91 26.82
N CYS E 159 -28.41 30.60 26.59
CA CYS E 159 -29.35 29.84 25.77
C CYS E 159 -29.45 28.42 26.30
N ARG E 160 -30.59 27.79 25.98
CA ARG E 160 -30.86 26.43 26.39
C ARG E 160 -31.34 25.62 25.19
N SER E 161 -30.92 24.36 25.13
CA SER E 161 -31.30 23.46 24.05
C SER E 161 -32.43 22.56 24.53
N SER E 162 -33.46 22.38 23.70
CA SER E 162 -34.60 21.55 24.07
C SER E 162 -34.17 20.11 24.32
N LYS E 163 -33.31 19.57 23.46
CA LYS E 163 -32.75 18.24 23.64
C LYS E 163 -31.30 18.36 24.07
N SER E 164 -30.62 17.22 24.17
CA SER E 164 -29.20 17.17 24.51
C SER E 164 -28.41 17.23 23.21
N LEU E 165 -27.84 18.41 22.94
CA LEU E 165 -27.04 18.57 21.73
C LEU E 165 -25.78 17.74 21.75
N LEU E 166 -25.34 17.29 22.92
CA LEU E 166 -24.16 16.43 23.00
C LEU E 166 -24.45 15.09 22.35
N HIS E 167 -23.57 14.66 21.46
CA HIS E 167 -23.71 13.40 20.74
C HIS E 167 -22.62 12.43 21.21
N SER E 168 -22.85 11.13 20.96
CA SER E 168 -21.92 10.11 21.43
C SER E 168 -20.52 10.30 20.84
N ASN E 169 -20.40 11.04 19.74
CA ASN E 169 -19.08 11.43 19.25
C ASN E 169 -18.36 12.37 20.20
N GLY E 170 -19.05 12.94 21.17
CA GLY E 170 -18.47 13.91 22.08
C GLY E 170 -18.39 15.32 21.53
N ASN E 171 -18.85 15.53 20.30
CA ASN E 171 -18.79 16.84 19.65
C ASN E 171 -20.14 17.54 19.69
N THR E 172 -20.37 18.30 20.78
CA THR E 172 -21.57 19.10 20.88
C THR E 172 -21.53 20.23 19.86
N TYR E 173 -22.66 20.46 19.20
CA TYR E 173 -22.74 21.39 18.08
C TYR E 173 -23.11 22.77 18.61
N LEU E 174 -22.19 23.73 18.50
CA LEU E 174 -22.36 25.02 19.14
C LEU E 174 -21.92 26.10 18.16
N TYR E 175 -22.88 26.75 17.50
CA TYR E 175 -22.63 27.78 16.50
C TYR E 175 -23.14 29.12 16.99
N TRP E 176 -22.34 30.16 16.79
CA TRP E 176 -22.61 31.50 17.32
C TRP E 176 -22.33 32.57 16.27
N PHE E 177 -22.89 32.42 15.07
CA PHE E 177 -22.70 33.40 14.01
C PHE E 177 -23.11 34.80 14.47
N LEU E 178 -22.28 35.79 14.14
CA LEU E 178 -22.52 37.18 14.50
C LEU E 178 -22.81 37.96 13.23
N GLN E 179 -23.85 38.78 13.27
CA GLN E 179 -24.27 39.59 12.13
C GLN E 179 -24.22 41.06 12.54
N ARG E 180 -23.23 41.78 12.01
CA ARG E 180 -23.15 43.21 12.22
C ARG E 180 -24.05 43.96 11.25
N PRO E 181 -24.46 45.18 11.60
CA PRO E 181 -25.22 46.00 10.63
C PRO E 181 -24.37 46.28 9.40
N GLY E 182 -24.75 45.69 8.27
CA GLY E 182 -23.92 45.73 7.09
C GLY E 182 -24.37 44.76 6.02
N GLN E 183 -23.46 43.94 5.51
CA GLN E 183 -23.74 43.06 4.39
C GLN E 183 -23.76 41.58 4.76
N SER E 184 -22.69 41.06 5.35
CA SER E 184 -22.56 39.63 5.53
C SER E 184 -22.26 39.28 6.97
N PRO E 185 -22.67 38.09 7.42
CA PRO E 185 -22.38 37.67 8.80
C PRO E 185 -20.96 37.16 8.98
N GLN E 186 -20.67 36.65 10.18
CA GLN E 186 -19.36 36.12 10.53
C GLN E 186 -19.57 34.83 11.30
N LEU E 187 -18.49 34.09 11.52
CA LEU E 187 -18.50 32.93 12.40
C LEU E 187 -17.69 33.23 13.64
N LEU E 188 -18.24 32.86 14.80
CA LEU E 188 -17.56 33.03 16.08
C LEU E 188 -17.15 31.69 16.67
N ILE E 189 -18.07 30.75 16.80
CA ILE E 189 -17.79 29.41 17.28
C ILE E 189 -18.31 28.42 16.25
N TYR E 190 -17.46 27.48 15.84
CA TYR E 190 -17.82 26.53 14.78
C TYR E 190 -18.32 25.20 15.33
N ARG E 191 -18.28 25.01 16.64
CA ARG E 191 -18.80 23.78 17.25
C ARG E 191 -18.87 23.92 18.77
N ASN E 194 -13.53 25.64 19.81
CA ASN E 194 -14.67 26.54 19.72
C ASN E 194 -14.39 27.70 18.77
N LEU E 195 -13.49 28.59 19.18
CA LEU E 195 -13.23 29.80 18.41
C LEU E 195 -12.56 29.47 17.08
N ALA E 196 -12.99 30.16 16.02
CA ALA E 196 -12.47 29.93 14.69
C ALA E 196 -11.22 30.78 14.43
N SER E 197 -10.79 30.80 13.17
CA SER E 197 -9.60 31.55 12.77
C SER E 197 -9.96 33.01 12.50
N GLY E 198 -10.33 33.71 13.57
CA GLY E 198 -10.72 35.11 13.51
C GLY E 198 -9.74 35.98 14.27
N VAL E 199 -9.65 37.25 13.85
CA VAL E 199 -8.78 38.20 14.54
C VAL E 199 -9.16 38.38 16.00
N PRO E 200 -10.42 38.61 16.38
CA PRO E 200 -10.72 38.80 17.80
C PRO E 200 -10.55 37.53 18.60
N ASP E 201 -10.32 37.72 19.89
CA ASP E 201 -10.03 36.66 20.86
C ASP E 201 -10.99 36.70 22.04
N ARG E 202 -11.55 37.87 22.35
CA ARG E 202 -12.36 38.04 23.55
C ARG E 202 -13.57 37.11 23.60
N PHE E 203 -14.09 36.72 22.43
CA PHE E 203 -15.25 35.84 22.39
C PHE E 203 -14.95 34.51 23.08
N SER E 204 -15.88 34.06 23.92
CA SER E 204 -15.76 32.77 24.58
C SER E 204 -17.09 32.05 24.56
N GLY E 205 -17.04 30.72 24.57
CA GLY E 205 -18.24 29.91 24.60
C GLY E 205 -18.17 28.80 25.62
N SER E 206 -19.11 28.78 26.56
CA SER E 206 -19.16 27.79 27.62
C SER E 206 -20.38 26.91 27.47
N GLY E 207 -20.19 25.61 27.54
CA GLY E 207 -21.27 24.65 27.37
C GLY E 207 -21.31 23.65 28.52
N SER E 208 -22.52 23.29 28.94
CA SER E 208 -22.71 22.30 29.99
C SER E 208 -24.07 21.66 29.76
N GLY E 209 -24.06 20.44 29.21
CA GLY E 209 -25.29 19.75 28.91
C GLY E 209 -26.16 20.52 27.92
N THR E 210 -27.26 21.07 28.43
CA THR E 210 -28.19 21.85 27.62
C THR E 210 -28.09 23.35 27.86
N ALA E 211 -27.12 23.80 28.65
CA ALA E 211 -26.96 25.21 28.98
C ALA E 211 -25.72 25.76 28.27
N PHE E 212 -25.89 26.84 27.51
CA PHE E 212 -24.81 27.40 26.73
C PHE E 212 -24.74 28.91 26.96
N THR E 213 -23.53 29.46 26.95
CA THR E 213 -23.32 30.87 27.24
C THR E 213 -22.21 31.42 26.35
N LEU E 214 -22.53 32.45 25.58
CA LEU E 214 -21.53 33.26 24.89
C LEU E 214 -21.10 34.40 25.80
N THR E 215 -19.80 34.60 25.95
CA THR E 215 -19.23 35.58 26.85
C THR E 215 -18.33 36.53 26.08
N ILE E 216 -18.45 37.82 26.40
CA ILE E 216 -17.63 38.88 25.81
C ILE E 216 -16.71 39.40 26.92
N SER E 217 -15.40 39.31 26.69
CA SER E 217 -14.46 39.82 27.67
C SER E 217 -14.54 41.33 27.78
N ARG E 218 -14.61 42.03 26.65
CA ARG E 218 -14.72 43.48 26.63
C ARG E 218 -15.39 43.91 25.33
N LEU E 219 -16.14 44.99 25.40
CA LEU E 219 -16.86 45.50 24.25
C LEU E 219 -15.93 46.28 23.33
N GLU E 220 -16.41 46.55 22.12
CA GLU E 220 -15.66 47.30 21.13
C GLU E 220 -16.64 47.97 20.19
N ALA E 221 -16.11 48.90 19.37
CA ALA E 221 -16.94 49.59 18.39
C ALA E 221 -17.50 48.63 17.35
N GLU E 222 -16.78 47.57 17.02
CA GLU E 222 -17.24 46.58 16.07
C GLU E 222 -17.79 45.33 16.73
N ASP E 223 -17.96 45.33 18.04
CA ASP E 223 -18.47 44.18 18.76
C ASP E 223 -20.00 44.09 18.77
N VAL E 224 -20.70 45.17 18.43
CA VAL E 224 -22.15 45.17 18.46
C VAL E 224 -22.68 44.39 17.26
N GLY E 225 -23.74 43.63 17.49
CA GLY E 225 -24.33 42.85 16.42
C GLY E 225 -25.42 41.95 16.96
N VAL E 226 -25.89 41.06 16.08
CA VAL E 226 -26.96 40.12 16.38
C VAL E 226 -26.38 38.71 16.39
N TYR E 227 -26.70 37.94 17.44
CA TYR E 227 -26.19 36.61 17.62
C TYR E 227 -27.29 35.59 17.37
N TYR E 228 -26.91 34.43 16.83
CA TYR E 228 -27.87 33.39 16.48
C TYR E 228 -27.48 32.09 17.15
N CYS E 229 -28.49 31.32 17.54
CA CYS E 229 -28.37 30.21 18.48
C CYS E 229 -28.04 28.92 17.75
N MET E 230 -27.86 27.86 18.55
CA MET E 230 -27.63 26.51 18.03
C MET E 230 -28.68 25.55 18.59
N GLN E 231 -29.51 25.02 17.70
CA GLN E 231 -30.57 24.08 18.06
C GLN E 231 -30.71 22.99 16.99
N HIS E 232 -29.58 22.42 16.56
CA HIS E 232 -29.54 21.53 15.41
C HIS E 232 -28.77 20.27 15.76
N LEU E 233 -29.36 19.13 15.44
CA LEU E 233 -28.68 17.83 15.50
C LEU E 233 -28.84 17.01 14.24
N GLU E 234 -30.03 17.03 13.64
CA GLU E 234 -30.40 16.11 12.58
C GLU E 234 -30.15 16.75 11.22
N TYR E 235 -30.66 16.11 10.17
CA TYR E 235 -30.48 16.62 8.81
C TYR E 235 -30.93 18.07 8.65
N PRO E 236 -32.11 18.51 9.15
CA PRO E 236 -32.46 19.92 9.05
C PRO E 236 -31.80 20.72 10.17
N LEU E 237 -30.78 21.51 9.82
CA LEU E 237 -30.09 22.38 10.77
C LEU E 237 -30.81 23.73 10.79
N THR E 238 -31.94 23.75 11.51
CA THR E 238 -32.71 24.98 11.71
C THR E 238 -32.39 25.50 13.10
N PHE E 239 -31.24 26.18 13.23
CA PHE E 239 -30.83 26.80 14.48
C PHE E 239 -31.10 28.30 14.48
N GLY E 240 -31.94 28.77 13.56
CA GLY E 240 -32.13 30.20 13.38
C GLY E 240 -32.97 30.86 14.45
N ALA E 241 -33.56 30.09 15.35
CA ALA E 241 -34.35 30.66 16.43
C ALA E 241 -33.50 31.62 17.26
N GLY E 242 -33.81 32.91 17.17
CA GLY E 242 -33.03 33.92 17.87
C GLY E 242 -33.53 35.32 17.62
N THR E 243 -33.59 36.13 18.68
CA THR E 243 -34.06 37.50 18.55
C THR E 243 -33.04 38.35 17.80
N LYS E 244 -33.54 39.32 17.05
CA LYS E 244 -32.70 40.26 16.32
C LYS E 244 -32.38 41.43 17.24
N LEU E 245 -31.10 41.57 17.59
CA LEU E 245 -30.63 42.61 18.51
C LEU E 245 -30.21 43.88 17.78
N GLU E 246 -30.75 44.11 16.58
CA GLU E 246 -30.43 45.32 15.84
C GLU E 246 -30.92 46.57 16.56
N LEU E 247 -32.12 46.50 17.13
CA LEU E 247 -32.69 47.62 17.86
C LEU E 247 -32.65 47.37 19.37
C10 Q2B F . -26.86 -33.04 -6.09
C11 Q2B F . -27.00 -33.53 -7.37
C12 Q2B F . -27.54 -32.92 -8.63
C13 Q2B F . -28.15 -31.70 -8.66
C14 Q2B F . -28.65 -31.19 -9.84
C15 Q2B F . -28.55 -31.91 -10.98
C16 Q2B F . -27.94 -33.15 -10.94
C17 Q2B F . -27.44 -33.66 -9.77
O1 Q2B F . -30.41 -30.87 -4.07
N2 Q2B F . -29.33 -30.73 -4.50
C3 Q2B F . -28.39 -31.83 -4.51
C4 Q2B F . -27.21 -31.69 -5.49
C5 Q2B F . -25.95 -31.33 -4.72
C6 Q2B F . -24.66 -31.75 -4.99
C7 Q2B F . -23.84 -31.17 -4.07
C8 Q2B F . -24.64 -30.41 -3.24
O9 Q2B F . -25.90 -30.53 -3.66
N18 Q2B F . -26.54 -34.75 -7.34
C19 Q2B F . -26.11 -35.10 -6.10
C20 Q2B F . -25.56 -36.27 -5.57
C21 Q2B F . -25.19 -36.33 -4.27
C22 Q2B F . -25.39 -35.24 -3.46
C23 Q2B F . -25.93 -34.09 -3.98
C24 Q2B F . -26.30 -34.05 -5.30
O25 Q2B F . -28.99 -29.47 -4.99
#